data_2TMA
# 
_entry.id   2TMA 
# 
_audit_conform.dict_name       mmcif_pdbx.dic 
_audit_conform.dict_version    5.387 
_audit_conform.dict_location   http://mmcif.pdb.org/dictionaries/ascii/mmcif_pdbx.dic 
# 
loop_
_database_2.database_id 
_database_2.database_code 
_database_2.pdbx_database_accession 
_database_2.pdbx_DOI 
PDB   2TMA         pdb_00002tma 10.2210/pdb2tma/pdb 
WWPDB D_1000178682 ?            ?                   
# 
loop_
_pdbx_audit_revision_history.ordinal 
_pdbx_audit_revision_history.data_content_type 
_pdbx_audit_revision_history.major_revision 
_pdbx_audit_revision_history.minor_revision 
_pdbx_audit_revision_history.revision_date 
1 'Structure model' 1 0 1987-10-16 
2 'Structure model' 1 1 2008-03-25 
3 'Structure model' 1 2 2011-07-13 
4 'Structure model' 1 3 2011-08-24 
5 'Structure model' 1 4 2024-02-21 
# 
_pdbx_audit_revision_details.ordinal             1 
_pdbx_audit_revision_details.revision_ordinal    1 
_pdbx_audit_revision_details.data_content_type   'Structure model' 
_pdbx_audit_revision_details.provider            repository 
_pdbx_audit_revision_details.type                'Initial release' 
_pdbx_audit_revision_details.description         ? 
_pdbx_audit_revision_details.details             ? 
# 
loop_
_pdbx_audit_revision_group.ordinal 
_pdbx_audit_revision_group.revision_ordinal 
_pdbx_audit_revision_group.data_content_type 
_pdbx_audit_revision_group.group 
1 2 'Structure model' 'Version format compliance' 
2 3 'Structure model' 'Version format compliance' 
3 4 'Structure model' 'Structure summary'         
4 5 'Structure model' 'Data collection'           
5 5 'Structure model' 'Database references'       
6 5 'Structure model' Other                       
# 
loop_
_pdbx_audit_revision_category.ordinal 
_pdbx_audit_revision_category.revision_ordinal 
_pdbx_audit_revision_category.data_content_type 
_pdbx_audit_revision_category.category 
1 5 'Structure model' chem_comp_atom       
2 5 'Structure model' chem_comp_bond       
3 5 'Structure model' database_2           
4 5 'Structure model' pdbx_database_status 
5 5 'Structure model' struct_ref_seq_dif   
# 
loop_
_pdbx_audit_revision_item.ordinal 
_pdbx_audit_revision_item.revision_ordinal 
_pdbx_audit_revision_item.data_content_type 
_pdbx_audit_revision_item.item 
1 5 'Structure model' '_database_2.pdbx_DOI'                
2 5 'Structure model' '_database_2.pdbx_database_accession' 
3 5 'Structure model' '_pdbx_database_status.process_site'  
4 5 'Structure model' '_struct_ref_seq_dif.details'         
# 
_pdbx_database_status.status_code                     REL 
_pdbx_database_status.entry_id                        2TMA 
_pdbx_database_status.recvd_initial_deposition_date   1987-09-16 
_pdbx_database_status.deposit_site                    ? 
_pdbx_database_status.process_site                    BNL 
_pdbx_database_status.SG_entry                        . 
_pdbx_database_status.status_code_sf                  ? 
_pdbx_database_status.status_code_mr                  ? 
_pdbx_database_status.status_code_cs                  ? 
_pdbx_database_status.pdb_format_compatible           Y 
_pdbx_database_status.status_code_nmr_data            ? 
_pdbx_database_status.methods_development_category    ? 
# 
loop_
_audit_author.name 
_audit_author.pdbx_ordinal 
'Phillips Jr., G.N.' 1 
'Cohen, C.'          2 
# 
loop_
_citation.id 
_citation.title 
_citation.journal_abbrev 
_citation.journal_volume 
_citation.page_first 
_citation.page_last 
_citation.year 
_citation.journal_id_ASTM 
_citation.country 
_citation.journal_id_ISSN 
_citation.journal_id_CSD 
_citation.book_publisher 
_citation.pdbx_database_id_PubMed 
_citation.pdbx_database_id_DOI 
primary 'Construction of an atomic model for tropomyosin and implications for interactions with actin.' J.Mol.Biol. 192 128 131 
1986 JMOBAK UK 0022-2836 0070 ? 3820300 '10.1016/0022-2836(86)90469-9' 
1       'Tropomyosin Crystal Structure and Muscle Regulation'                                           J.Mol.Biol. 192 111 ?   
1986 JMOBAK UK 0022-2836 0070 ? ?       ?                              
2       'Crystal Structure and Molecular Interactions of Tropomyosin'                                   Nature      278 413 ?   
1979 NATUAS UK 0028-0836 0006 ? ?       ?                              
# 
loop_
_citation_author.citation_id 
_citation_author.name 
_citation_author.ordinal 
_citation_author.identifier_ORCID 
primary 'Phillips Jr., G.N.'   1 ? 
1       'Phillipsjunior, G.N.' 2 ? 
1       'Fillers, J.P.'        3 ? 
1       'Cohen, C.'            4 ? 
2       'Phillipsjunior, G.N.' 5 ? 
2       'Lattman, E.E.'        6 ? 
2       'Cummins, P.'          7 ? 
2       'Lee, K.Y.'            8 ? 
2       'Cohen, C.'            9 ? 
# 
_entity.id                         1 
_entity.type                       polymer 
_entity.src_method                 man 
_entity.pdbx_description           TROPOMYOSIN 
_entity.formula_weight             32735.609 
_entity.pdbx_number_of_molecules   2 
_entity.pdbx_ec                    ? 
_entity.pdbx_mutation              ? 
_entity.pdbx_fragment              ? 
_entity.details                    ? 
# 
_entity_poly.entity_id                      1 
_entity_poly.type                           'polypeptide(L)' 
_entity_poly.nstd_linkage                   no 
_entity_poly.nstd_monomer                   no 
_entity_poly.pdbx_seq_one_letter_code       
;MDAIKKKMQMLKLDKENALDRAEQAEADKKAAEDRSKQLEDELVSLQKKLKGTEDELDKYSEALKDAQEKLELAEKKATD
AEADVASLNRRIQLVEEELDRAQERLATALQKLEEAEKAADESERGMKVIESRAQKDEEKMEIQEIQLKEAKHIAEDADR
KYEEVARKLVIIESDLERAEERAELSEGKCAELEEEIKTVTNNLKSLEAQAEKYSQKEDKYEEEIKVLSDKLKEAETRAE
FAERSVTKLEKSIDDLEDELYAQKLKYKAISEELDHALNDMTSI
;
_entity_poly.pdbx_seq_one_letter_code_can   
;MDAIKKKMQMLKLDKENALDRAEQAEADKKAAEDRSKQLEDELVSLQKKLKGTEDELDKYSEALKDAQEKLELAEKKATD
AEADVASLNRRIQLVEEELDRAQERLATALQKLEEAEKAADESERGMKVIESRAQKDEEKMEIQEIQLKEAKHIAEDADR
KYEEVARKLVIIESDLERAEERAELSEGKCAELEEEIKTVTNNLKSLEAQAEKYSQKEDKYEEEIKVLSDKLKEAETRAE
FAERSVTKLEKSIDDLEDELYAQKLKYKAISEELDHALNDMTSI
;
_entity_poly.pdbx_strand_id                 A,B 
_entity_poly.pdbx_target_identifier         ? 
# 
loop_
_entity_poly_seq.entity_id 
_entity_poly_seq.num 
_entity_poly_seq.mon_id 
_entity_poly_seq.hetero 
1 1   MET n 
1 2   ASP n 
1 3   ALA n 
1 4   ILE n 
1 5   LYS n 
1 6   LYS n 
1 7   LYS n 
1 8   MET n 
1 9   GLN n 
1 10  MET n 
1 11  LEU n 
1 12  LYS n 
1 13  LEU n 
1 14  ASP n 
1 15  LYS n 
1 16  GLU n 
1 17  ASN n 
1 18  ALA n 
1 19  LEU n 
1 20  ASP n 
1 21  ARG n 
1 22  ALA n 
1 23  GLU n 
1 24  GLN n 
1 25  ALA n 
1 26  GLU n 
1 27  ALA n 
1 28  ASP n 
1 29  LYS n 
1 30  LYS n 
1 31  ALA n 
1 32  ALA n 
1 33  GLU n 
1 34  ASP n 
1 35  ARG n 
1 36  SER n 
1 37  LYS n 
1 38  GLN n 
1 39  LEU n 
1 40  GLU n 
1 41  ASP n 
1 42  GLU n 
1 43  LEU n 
1 44  VAL n 
1 45  SER n 
1 46  LEU n 
1 47  GLN n 
1 48  LYS n 
1 49  LYS n 
1 50  LEU n 
1 51  LYS n 
1 52  GLY n 
1 53  THR n 
1 54  GLU n 
1 55  ASP n 
1 56  GLU n 
1 57  LEU n 
1 58  ASP n 
1 59  LYS n 
1 60  TYR n 
1 61  SER n 
1 62  GLU n 
1 63  ALA n 
1 64  LEU n 
1 65  LYS n 
1 66  ASP n 
1 67  ALA n 
1 68  GLN n 
1 69  GLU n 
1 70  LYS n 
1 71  LEU n 
1 72  GLU n 
1 73  LEU n 
1 74  ALA n 
1 75  GLU n 
1 76  LYS n 
1 77  LYS n 
1 78  ALA n 
1 79  THR n 
1 80  ASP n 
1 81  ALA n 
1 82  GLU n 
1 83  ALA n 
1 84  ASP n 
1 85  VAL n 
1 86  ALA n 
1 87  SER n 
1 88  LEU n 
1 89  ASN n 
1 90  ARG n 
1 91  ARG n 
1 92  ILE n 
1 93  GLN n 
1 94  LEU n 
1 95  VAL n 
1 96  GLU n 
1 97  GLU n 
1 98  GLU n 
1 99  LEU n 
1 100 ASP n 
1 101 ARG n 
1 102 ALA n 
1 103 GLN n 
1 104 GLU n 
1 105 ARG n 
1 106 LEU n 
1 107 ALA n 
1 108 THR n 
1 109 ALA n 
1 110 LEU n 
1 111 GLN n 
1 112 LYS n 
1 113 LEU n 
1 114 GLU n 
1 115 GLU n 
1 116 ALA n 
1 117 GLU n 
1 118 LYS n 
1 119 ALA n 
1 120 ALA n 
1 121 ASP n 
1 122 GLU n 
1 123 SER n 
1 124 GLU n 
1 125 ARG n 
1 126 GLY n 
1 127 MET n 
1 128 LYS n 
1 129 VAL n 
1 130 ILE n 
1 131 GLU n 
1 132 SER n 
1 133 ARG n 
1 134 ALA n 
1 135 GLN n 
1 136 LYS n 
1 137 ASP n 
1 138 GLU n 
1 139 GLU n 
1 140 LYS n 
1 141 MET n 
1 142 GLU n 
1 143 ILE n 
1 144 GLN n 
1 145 GLU n 
1 146 ILE n 
1 147 GLN n 
1 148 LEU n 
1 149 LYS n 
1 150 GLU n 
1 151 ALA n 
1 152 LYS n 
1 153 HIS n 
1 154 ILE n 
1 155 ALA n 
1 156 GLU n 
1 157 ASP n 
1 158 ALA n 
1 159 ASP n 
1 160 ARG n 
1 161 LYS n 
1 162 TYR n 
1 163 GLU n 
1 164 GLU n 
1 165 VAL n 
1 166 ALA n 
1 167 ARG n 
1 168 LYS n 
1 169 LEU n 
1 170 VAL n 
1 171 ILE n 
1 172 ILE n 
1 173 GLU n 
1 174 SER n 
1 175 ASP n 
1 176 LEU n 
1 177 GLU n 
1 178 ARG n 
1 179 ALA n 
1 180 GLU n 
1 181 GLU n 
1 182 ARG n 
1 183 ALA n 
1 184 GLU n 
1 185 LEU n 
1 186 SER n 
1 187 GLU n 
1 188 GLY n 
1 189 LYS n 
1 190 CYS n 
1 191 ALA n 
1 192 GLU n 
1 193 LEU n 
1 194 GLU n 
1 195 GLU n 
1 196 GLU n 
1 197 ILE n 
1 198 LYS n 
1 199 THR n 
1 200 VAL n 
1 201 THR n 
1 202 ASN n 
1 203 ASN n 
1 204 LEU n 
1 205 LYS n 
1 206 SER n 
1 207 LEU n 
1 208 GLU n 
1 209 ALA n 
1 210 GLN n 
1 211 ALA n 
1 212 GLU n 
1 213 LYS n 
1 214 TYR n 
1 215 SER n 
1 216 GLN n 
1 217 LYS n 
1 218 GLU n 
1 219 ASP n 
1 220 LYS n 
1 221 TYR n 
1 222 GLU n 
1 223 GLU n 
1 224 GLU n 
1 225 ILE n 
1 226 LYS n 
1 227 VAL n 
1 228 LEU n 
1 229 SER n 
1 230 ASP n 
1 231 LYS n 
1 232 LEU n 
1 233 LYS n 
1 234 GLU n 
1 235 ALA n 
1 236 GLU n 
1 237 THR n 
1 238 ARG n 
1 239 ALA n 
1 240 GLU n 
1 241 PHE n 
1 242 ALA n 
1 243 GLU n 
1 244 ARG n 
1 245 SER n 
1 246 VAL n 
1 247 THR n 
1 248 LYS n 
1 249 LEU n 
1 250 GLU n 
1 251 LYS n 
1 252 SER n 
1 253 ILE n 
1 254 ASP n 
1 255 ASP n 
1 256 LEU n 
1 257 GLU n 
1 258 ASP n 
1 259 GLU n 
1 260 LEU n 
1 261 TYR n 
1 262 ALA n 
1 263 GLN n 
1 264 LYS n 
1 265 LEU n 
1 266 LYS n 
1 267 TYR n 
1 268 LYS n 
1 269 ALA n 
1 270 ILE n 
1 271 SER n 
1 272 GLU n 
1 273 GLU n 
1 274 LEU n 
1 275 ASP n 
1 276 HIS n 
1 277 ALA n 
1 278 LEU n 
1 279 ASN n 
1 280 ASP n 
1 281 MET n 
1 282 THR n 
1 283 SER n 
1 284 ILE n 
# 
_entity_src_gen.entity_id                          1 
_entity_src_gen.pdbx_src_id                        1 
_entity_src_gen.pdbx_alt_source_flag               sample 
_entity_src_gen.pdbx_seq_type                      ? 
_entity_src_gen.pdbx_beg_seq_num                   ? 
_entity_src_gen.pdbx_end_seq_num                   ? 
_entity_src_gen.gene_src_common_name               rabbit 
_entity_src_gen.gene_src_genus                     Oryctolagus 
_entity_src_gen.pdbx_gene_src_gene                 ? 
_entity_src_gen.gene_src_species                   ? 
_entity_src_gen.gene_src_strain                    ? 
_entity_src_gen.gene_src_tissue                    ? 
_entity_src_gen.gene_src_tissue_fraction           ? 
_entity_src_gen.gene_src_details                   ? 
_entity_src_gen.pdbx_gene_src_fragment             ? 
_entity_src_gen.pdbx_gene_src_scientific_name      'Oryctolagus cuniculus' 
_entity_src_gen.pdbx_gene_src_ncbi_taxonomy_id     9986 
_entity_src_gen.pdbx_gene_src_variant              ? 
_entity_src_gen.pdbx_gene_src_cell_line            ? 
_entity_src_gen.pdbx_gene_src_atcc                 ? 
_entity_src_gen.pdbx_gene_src_organ                ? 
_entity_src_gen.pdbx_gene_src_organelle            ? 
_entity_src_gen.pdbx_gene_src_cell                 ? 
_entity_src_gen.pdbx_gene_src_cellular_location    ? 
_entity_src_gen.host_org_common_name               ? 
_entity_src_gen.pdbx_host_org_scientific_name      ? 
_entity_src_gen.pdbx_host_org_ncbi_taxonomy_id     ? 
_entity_src_gen.host_org_genus                     ? 
_entity_src_gen.pdbx_host_org_gene                 ? 
_entity_src_gen.pdbx_host_org_organ                ? 
_entity_src_gen.host_org_species                   ? 
_entity_src_gen.pdbx_host_org_tissue               ? 
_entity_src_gen.pdbx_host_org_tissue_fraction      ? 
_entity_src_gen.pdbx_host_org_strain               ? 
_entity_src_gen.pdbx_host_org_variant              ? 
_entity_src_gen.pdbx_host_org_cell_line            ? 
_entity_src_gen.pdbx_host_org_atcc                 ? 
_entity_src_gen.pdbx_host_org_culture_collection   ? 
_entity_src_gen.pdbx_host_org_cell                 ? 
_entity_src_gen.pdbx_host_org_organelle            ? 
_entity_src_gen.pdbx_host_org_cellular_location    ? 
_entity_src_gen.pdbx_host_org_vector_type          ? 
_entity_src_gen.pdbx_host_org_vector               ? 
_entity_src_gen.host_org_details                   ? 
_entity_src_gen.expression_system_id               ? 
_entity_src_gen.plasmid_name                       ? 
_entity_src_gen.plasmid_details                    ? 
_entity_src_gen.pdbx_description                   ? 
# 
loop_
_chem_comp.id 
_chem_comp.type 
_chem_comp.mon_nstd_flag 
_chem_comp.name 
_chem_comp.pdbx_synonyms 
_chem_comp.formula 
_chem_comp.formula_weight 
ALA 'L-peptide linking' y ALANINE         ? 'C3 H7 N O2'     89.093  
ARG 'L-peptide linking' y ARGININE        ? 'C6 H15 N4 O2 1' 175.209 
ASN 'L-peptide linking' y ASPARAGINE      ? 'C4 H8 N2 O3'    132.118 
ASP 'L-peptide linking' y 'ASPARTIC ACID' ? 'C4 H7 N O4'     133.103 
CYS 'L-peptide linking' y CYSTEINE        ? 'C3 H7 N O2 S'   121.158 
GLN 'L-peptide linking' y GLUTAMINE       ? 'C5 H10 N2 O3'   146.144 
GLU 'L-peptide linking' y 'GLUTAMIC ACID' ? 'C5 H9 N O4'     147.129 
GLY 'peptide linking'   y GLYCINE         ? 'C2 H5 N O2'     75.067  
HIS 'L-peptide linking' y HISTIDINE       ? 'C6 H10 N3 O2 1' 156.162 
ILE 'L-peptide linking' y ISOLEUCINE      ? 'C6 H13 N O2'    131.173 
LEU 'L-peptide linking' y LEUCINE         ? 'C6 H13 N O2'    131.173 
LYS 'L-peptide linking' y LYSINE          ? 'C6 H15 N2 O2 1' 147.195 
MET 'L-peptide linking' y METHIONINE      ? 'C5 H11 N O2 S'  149.211 
PHE 'L-peptide linking' y PHENYLALANINE   ? 'C9 H11 N O2'    165.189 
SER 'L-peptide linking' y SERINE          ? 'C3 H7 N O3'     105.093 
THR 'L-peptide linking' y THREONINE       ? 'C4 H9 N O3'     119.119 
TYR 'L-peptide linking' y TYROSINE        ? 'C9 H11 N O3'    181.189 
VAL 'L-peptide linking' y VALINE          ? 'C5 H11 N O2'    117.146 
# 
loop_
_pdbx_poly_seq_scheme.asym_id 
_pdbx_poly_seq_scheme.entity_id 
_pdbx_poly_seq_scheme.seq_id 
_pdbx_poly_seq_scheme.mon_id 
_pdbx_poly_seq_scheme.ndb_seq_num 
_pdbx_poly_seq_scheme.pdb_seq_num 
_pdbx_poly_seq_scheme.auth_seq_num 
_pdbx_poly_seq_scheme.pdb_mon_id 
_pdbx_poly_seq_scheme.auth_mon_id 
_pdbx_poly_seq_scheme.pdb_strand_id 
_pdbx_poly_seq_scheme.pdb_ins_code 
_pdbx_poly_seq_scheme.hetero 
A 1 1   MET 1   1   1   MET MET A . n 
A 1 2   ASP 2   2   2   ASP ASP A . n 
A 1 3   ALA 3   3   3   ALA ALA A . n 
A 1 4   ILE 4   4   4   ILE ILE A . n 
A 1 5   LYS 5   5   5   LYS LYS A . n 
A 1 6   LYS 6   6   6   LYS LYS A . n 
A 1 7   LYS 7   7   7   LYS LYS A . n 
A 1 8   MET 8   8   8   MET MET A . n 
A 1 9   GLN 9   9   9   GLN GLN A . n 
A 1 10  MET 10  10  10  MET MET A . n 
A 1 11  LEU 11  11  11  LEU LEU A . n 
A 1 12  LYS 12  12  12  LYS LYS A . n 
A 1 13  LEU 13  13  13  LEU LEU A . n 
A 1 14  ASP 14  14  14  ASP ASP A . n 
A 1 15  LYS 15  15  15  LYS LYS A . n 
A 1 16  GLU 16  16  16  GLU GLU A . n 
A 1 17  ASN 17  17  17  ASN ASN A . n 
A 1 18  ALA 18  18  18  ALA ALA A . n 
A 1 19  LEU 19  19  19  LEU LEU A . n 
A 1 20  ASP 20  20  20  ASP ASP A . n 
A 1 21  ARG 21  21  21  ARG ARG A . n 
A 1 22  ALA 22  22  22  ALA ALA A . n 
A 1 23  GLU 23  23  23  GLU GLU A . n 
A 1 24  GLN 24  24  24  GLN GLN A . n 
A 1 25  ALA 25  25  25  ALA ALA A . n 
A 1 26  GLU 26  26  26  GLU GLU A . n 
A 1 27  ALA 27  27  27  ALA ALA A . n 
A 1 28  ASP 28  28  28  ASP ASP A . n 
A 1 29  LYS 29  29  29  LYS LYS A . n 
A 1 30  LYS 30  30  30  LYS LYS A . n 
A 1 31  ALA 31  31  31  ALA ALA A . n 
A 1 32  ALA 32  32  32  ALA ALA A . n 
A 1 33  GLU 33  33  33  GLU GLU A . n 
A 1 34  ASP 34  34  34  ASP ASP A . n 
A 1 35  ARG 35  35  35  ARG ARG A . n 
A 1 36  SER 36  36  36  SER SER A . n 
A 1 37  LYS 37  37  37  LYS LYS A . n 
A 1 38  GLN 38  38  38  GLN GLN A . n 
A 1 39  LEU 39  39  39  LEU LEU A . n 
A 1 40  GLU 40  40  40  GLU GLU A . n 
A 1 41  ASP 41  41  41  ASP ASP A . n 
A 1 42  GLU 42  42  42  GLU GLU A . n 
A 1 43  LEU 43  43  43  LEU LEU A . n 
A 1 44  VAL 44  44  44  VAL VAL A . n 
A 1 45  SER 45  45  45  SER SER A . n 
A 1 46  LEU 46  46  46  LEU LEU A . n 
A 1 47  GLN 47  47  47  GLN GLN A . n 
A 1 48  LYS 48  48  48  LYS LYS A . n 
A 1 49  LYS 49  49  49  LYS LYS A . n 
A 1 50  LEU 50  50  50  LEU LEU A . n 
A 1 51  LYS 51  51  51  LYS LYS A . n 
A 1 52  GLY 52  52  52  GLY GLY A . n 
A 1 53  THR 53  53  53  THR THR A . n 
A 1 54  GLU 54  54  54  GLU GLU A . n 
A 1 55  ASP 55  55  55  ASP ASP A . n 
A 1 56  GLU 56  56  56  GLU GLU A . n 
A 1 57  LEU 57  57  57  LEU LEU A . n 
A 1 58  ASP 58  58  58  ASP ASP A . n 
A 1 59  LYS 59  59  59  LYS LYS A . n 
A 1 60  TYR 60  60  60  TYR TYR A . n 
A 1 61  SER 61  61  61  SER SER A . n 
A 1 62  GLU 62  62  62  GLU GLU A . n 
A 1 63  ALA 63  63  63  ALA ALA A . n 
A 1 64  LEU 64  64  64  LEU LEU A . n 
A 1 65  LYS 65  65  65  LYS LYS A . n 
A 1 66  ASP 66  66  66  ASP ASP A . n 
A 1 67  ALA 67  67  67  ALA ALA A . n 
A 1 68  GLN 68  68  68  GLN GLN A . n 
A 1 69  GLU 69  69  69  GLU GLU A . n 
A 1 70  LYS 70  70  70  LYS LYS A . n 
A 1 71  LEU 71  71  71  LEU LEU A . n 
A 1 72  GLU 72  72  72  GLU GLU A . n 
A 1 73  LEU 73  73  73  LEU LEU A . n 
A 1 74  ALA 74  74  74  ALA ALA A . n 
A 1 75  GLU 75  75  75  GLU GLU A . n 
A 1 76  LYS 76  76  76  LYS LYS A . n 
A 1 77  LYS 77  77  77  LYS LYS A . n 
A 1 78  ALA 78  78  78  ALA ALA A . n 
A 1 79  THR 79  79  79  THR THR A . n 
A 1 80  ASP 80  80  80  ASP ASP A . n 
A 1 81  ALA 81  81  81  ALA ALA A . n 
A 1 82  GLU 82  82  82  GLU GLU A . n 
A 1 83  ALA 83  83  83  ALA ALA A . n 
A 1 84  ASP 84  84  84  ASP ASP A . n 
A 1 85  VAL 85  85  85  VAL VAL A . n 
A 1 86  ALA 86  86  86  ALA ALA A . n 
A 1 87  SER 87  87  87  SER SER A . n 
A 1 88  LEU 88  88  88  LEU LEU A . n 
A 1 89  ASN 89  89  89  ASN ASN A . n 
A 1 90  ARG 90  90  90  ARG ARG A . n 
A 1 91  ARG 91  91  91  ARG ARG A . n 
A 1 92  ILE 92  92  92  ILE ILE A . n 
A 1 93  GLN 93  93  93  GLN GLN A . n 
A 1 94  LEU 94  94  94  LEU LEU A . n 
A 1 95  VAL 95  95  95  VAL VAL A . n 
A 1 96  GLU 96  96  96  GLU GLU A . n 
A 1 97  GLU 97  97  97  GLU GLU A . n 
A 1 98  GLU 98  98  98  GLU GLU A . n 
A 1 99  LEU 99  99  99  LEU LEU A . n 
A 1 100 ASP 100 100 100 ASP ASP A . n 
A 1 101 ARG 101 101 101 ARG ARG A . n 
A 1 102 ALA 102 102 102 ALA ALA A . n 
A 1 103 GLN 103 103 103 GLN GLN A . n 
A 1 104 GLU 104 104 104 GLU GLU A . n 
A 1 105 ARG 105 105 105 ARG ARG A . n 
A 1 106 LEU 106 106 106 LEU LEU A . n 
A 1 107 ALA 107 107 107 ALA ALA A . n 
A 1 108 THR 108 108 108 THR THR A . n 
A 1 109 ALA 109 109 109 ALA ALA A . n 
A 1 110 LEU 110 110 110 LEU LEU A . n 
A 1 111 GLN 111 111 111 GLN GLN A . n 
A 1 112 LYS 112 112 112 LYS LYS A . n 
A 1 113 LEU 113 113 113 LEU LEU A . n 
A 1 114 GLU 114 114 114 GLU GLU A . n 
A 1 115 GLU 115 115 115 GLU GLU A . n 
A 1 116 ALA 116 116 116 ALA ALA A . n 
A 1 117 GLU 117 117 117 GLU GLU A . n 
A 1 118 LYS 118 118 118 LYS LYS A . n 
A 1 119 ALA 119 119 119 ALA ALA A . n 
A 1 120 ALA 120 120 120 ALA ALA A . n 
A 1 121 ASP 121 121 121 ASP ASP A . n 
A 1 122 GLU 122 122 122 GLU GLU A . n 
A 1 123 SER 123 123 123 SER SER A . n 
A 1 124 GLU 124 124 124 GLU GLU A . n 
A 1 125 ARG 125 125 125 ARG ARG A . n 
A 1 126 GLY 126 126 126 GLY GLY A . n 
A 1 127 MET 127 127 127 MET MET A . n 
A 1 128 LYS 128 128 128 LYS LYS A . n 
A 1 129 VAL 129 129 129 VAL VAL A . n 
A 1 130 ILE 130 130 130 ILE ILE A . n 
A 1 131 GLU 131 131 131 GLU GLU A . n 
A 1 132 SER 132 132 132 SER SER A . n 
A 1 133 ARG 133 133 133 ARG ARG A . n 
A 1 134 ALA 134 134 134 ALA ALA A . n 
A 1 135 GLN 135 135 135 GLN GLN A . n 
A 1 136 LYS 136 136 136 LYS LYS A . n 
A 1 137 ASP 137 137 137 ASP ASP A . n 
A 1 138 GLU 138 138 138 GLU GLU A . n 
A 1 139 GLU 139 139 139 GLU GLU A . n 
A 1 140 LYS 140 140 140 LYS LYS A . n 
A 1 141 MET 141 141 141 MET MET A . n 
A 1 142 GLU 142 142 142 GLU GLU A . n 
A 1 143 ILE 143 143 143 ILE ILE A . n 
A 1 144 GLN 144 144 144 GLN GLN A . n 
A 1 145 GLU 145 145 145 GLU GLU A . n 
A 1 146 ILE 146 146 146 ILE ILE A . n 
A 1 147 GLN 147 147 147 GLN GLN A . n 
A 1 148 LEU 148 148 148 LEU LEU A . n 
A 1 149 LYS 149 149 149 LYS LYS A . n 
A 1 150 GLU 150 150 150 GLU GLU A . n 
A 1 151 ALA 151 151 151 ALA ALA A . n 
A 1 152 LYS 152 152 152 LYS LYS A . n 
A 1 153 HIS 153 153 153 HIS HIS A . n 
A 1 154 ILE 154 154 154 ILE ILE A . n 
A 1 155 ALA 155 155 155 ALA ALA A . n 
A 1 156 GLU 156 156 156 GLU GLU A . n 
A 1 157 ASP 157 157 157 ASP ASP A . n 
A 1 158 ALA 158 158 158 ALA ALA A . n 
A 1 159 ASP 159 159 159 ASP ASP A . n 
A 1 160 ARG 160 160 160 ARG ARG A . n 
A 1 161 LYS 161 161 161 LYS LYS A . n 
A 1 162 TYR 162 162 162 TYR TYR A . n 
A 1 163 GLU 163 163 163 GLU GLU A . n 
A 1 164 GLU 164 164 164 GLU GLU A . n 
A 1 165 VAL 165 165 165 VAL VAL A . n 
A 1 166 ALA 166 166 166 ALA ALA A . n 
A 1 167 ARG 167 167 167 ARG ARG A . n 
A 1 168 LYS 168 168 168 LYS LYS A . n 
A 1 169 LEU 169 169 169 LEU LEU A . n 
A 1 170 VAL 170 170 170 VAL VAL A . n 
A 1 171 ILE 171 171 171 ILE ILE A . n 
A 1 172 ILE 172 172 172 ILE ILE A . n 
A 1 173 GLU 173 173 173 GLU GLU A . n 
A 1 174 SER 174 174 174 SER SER A . n 
A 1 175 ASP 175 175 175 ASP ASP A . n 
A 1 176 LEU 176 176 176 LEU LEU A . n 
A 1 177 GLU 177 177 177 GLU GLU A . n 
A 1 178 ARG 178 178 178 ARG ARG A . n 
A 1 179 ALA 179 179 179 ALA ALA A . n 
A 1 180 GLU 180 180 180 GLU GLU A . n 
A 1 181 GLU 181 181 181 GLU GLU A . n 
A 1 182 ARG 182 182 182 ARG ARG A . n 
A 1 183 ALA 183 183 183 ALA ALA A . n 
A 1 184 GLU 184 184 184 GLU GLU A . n 
A 1 185 LEU 185 185 185 LEU LEU A . n 
A 1 186 SER 186 186 186 SER SER A . n 
A 1 187 GLU 187 187 187 GLU GLU A . n 
A 1 188 GLY 188 188 188 GLY GLY A . n 
A 1 189 LYS 189 189 189 LYS LYS A . n 
A 1 190 CYS 190 190 190 CYS CYS A . n 
A 1 191 ALA 191 191 191 ALA ALA A . n 
A 1 192 GLU 192 192 192 GLU GLU A . n 
A 1 193 LEU 193 193 193 LEU LEU A . n 
A 1 194 GLU 194 194 194 GLU GLU A . n 
A 1 195 GLU 195 195 195 GLU GLU A . n 
A 1 196 GLU 196 196 196 GLU GLU A . n 
A 1 197 ILE 197 197 197 ILE ILE A . n 
A 1 198 LYS 198 198 198 LYS LYS A . n 
A 1 199 THR 199 199 199 THR THR A . n 
A 1 200 VAL 200 200 200 VAL VAL A . n 
A 1 201 THR 201 201 201 THR THR A . n 
A 1 202 ASN 202 202 202 ASN ASN A . n 
A 1 203 ASN 203 203 203 ASN ASN A . n 
A 1 204 LEU 204 204 204 LEU LEU A . n 
A 1 205 LYS 205 205 205 LYS LYS A . n 
A 1 206 SER 206 206 206 SER SER A . n 
A 1 207 LEU 207 207 207 LEU LEU A . n 
A 1 208 GLU 208 208 208 GLU GLU A . n 
A 1 209 ALA 209 209 209 ALA ALA A . n 
A 1 210 GLN 210 210 210 GLN GLN A . n 
A 1 211 ALA 211 211 211 ALA ALA A . n 
A 1 212 GLU 212 212 212 GLU GLU A . n 
A 1 213 LYS 213 213 213 LYS LYS A . n 
A 1 214 TYR 214 214 214 TYR TYR A . n 
A 1 215 SER 215 215 215 SER SER A . n 
A 1 216 GLN 216 216 216 GLN GLN A . n 
A 1 217 LYS 217 217 217 LYS LYS A . n 
A 1 218 GLU 218 218 218 GLU GLU A . n 
A 1 219 ASP 219 219 219 ASP ASP A . n 
A 1 220 LYS 220 220 220 LYS LYS A . n 
A 1 221 TYR 221 221 221 TYR TYR A . n 
A 1 222 GLU 222 222 222 GLU GLU A . n 
A 1 223 GLU 223 223 223 GLU GLU A . n 
A 1 224 GLU 224 224 224 GLU GLU A . n 
A 1 225 ILE 225 225 225 ILE ILE A . n 
A 1 226 LYS 226 226 226 LYS LYS A . n 
A 1 227 VAL 227 227 227 VAL VAL A . n 
A 1 228 LEU 228 228 228 LEU LEU A . n 
A 1 229 SER 229 229 229 SER SER A . n 
A 1 230 ASP 230 230 230 ASP ASP A . n 
A 1 231 LYS 231 231 231 LYS LYS A . n 
A 1 232 LEU 232 232 232 LEU LEU A . n 
A 1 233 LYS 233 233 233 LYS LYS A . n 
A 1 234 GLU 234 234 234 GLU GLU A . n 
A 1 235 ALA 235 235 235 ALA ALA A . n 
A 1 236 GLU 236 236 236 GLU GLU A . n 
A 1 237 THR 237 237 237 THR THR A . n 
A 1 238 ARG 238 238 238 ARG ARG A . n 
A 1 239 ALA 239 239 239 ALA ALA A . n 
A 1 240 GLU 240 240 240 GLU GLU A . n 
A 1 241 PHE 241 241 241 PHE PHE A . n 
A 1 242 ALA 242 242 242 ALA ALA A . n 
A 1 243 GLU 243 243 243 GLU GLU A . n 
A 1 244 ARG 244 244 244 ARG ARG A . n 
A 1 245 SER 245 245 245 SER SER A . n 
A 1 246 VAL 246 246 246 VAL VAL A . n 
A 1 247 THR 247 247 247 THR THR A . n 
A 1 248 LYS 248 248 248 LYS LYS A . n 
A 1 249 LEU 249 249 249 LEU LEU A . n 
A 1 250 GLU 250 250 250 GLU GLU A . n 
A 1 251 LYS 251 251 251 LYS LYS A . n 
A 1 252 SER 252 252 252 SER SER A . n 
A 1 253 ILE 253 253 253 ILE ILE A . n 
A 1 254 ASP 254 254 254 ASP ASP A . n 
A 1 255 ASP 255 255 255 ASP ASP A . n 
A 1 256 LEU 256 256 256 LEU LEU A . n 
A 1 257 GLU 257 257 257 GLU GLU A . n 
A 1 258 ASP 258 258 258 ASP ASP A . n 
A 1 259 GLU 259 259 259 GLU GLU A . n 
A 1 260 LEU 260 260 260 LEU LEU A . n 
A 1 261 TYR 261 261 261 TYR TYR A . n 
A 1 262 ALA 262 262 262 ALA ALA A . n 
A 1 263 GLN 263 263 263 GLN GLN A . n 
A 1 264 LYS 264 264 264 LYS LYS A . n 
A 1 265 LEU 265 265 265 LEU LEU A . n 
A 1 266 LYS 266 266 266 LYS LYS A . n 
A 1 267 TYR 267 267 267 TYR TYR A . n 
A 1 268 LYS 268 268 268 LYS LYS A . n 
A 1 269 ALA 269 269 269 ALA ALA A . n 
A 1 270 ILE 270 270 270 ILE ILE A . n 
A 1 271 SER 271 271 271 SER SER A . n 
A 1 272 GLU 272 272 272 GLU GLU A . n 
A 1 273 GLU 273 273 273 GLU GLU A . n 
A 1 274 LEU 274 274 274 LEU LEU A . n 
A 1 275 ASP 275 275 275 ASP ASP A . n 
A 1 276 HIS 276 276 276 HIS HIS A . n 
A 1 277 ALA 277 277 277 ALA ALA A . n 
A 1 278 LEU 278 278 278 LEU LEU A . n 
A 1 279 ASN 279 279 279 ASN ASN A . n 
A 1 280 ASP 280 280 280 ASP ASP A . n 
A 1 281 MET 281 281 281 MET MET A . n 
A 1 282 THR 282 282 282 THR THR A . n 
A 1 283 SER 283 283 283 SER SER A . n 
A 1 284 ILE 284 284 284 ILE ILE A . n 
B 1 1   MET 1   1   1   MET MET B . n 
B 1 2   ASP 2   2   2   ASP ASP B . n 
B 1 3   ALA 3   3   3   ALA ALA B . n 
B 1 4   ILE 4   4   4   ILE ILE B . n 
B 1 5   LYS 5   5   5   LYS LYS B . n 
B 1 6   LYS 6   6   6   LYS LYS B . n 
B 1 7   LYS 7   7   7   LYS LYS B . n 
B 1 8   MET 8   8   8   MET MET B . n 
B 1 9   GLN 9   9   9   GLN GLN B . n 
B 1 10  MET 10  10  10  MET MET B . n 
B 1 11  LEU 11  11  11  LEU LEU B . n 
B 1 12  LYS 12  12  12  LYS LYS B . n 
B 1 13  LEU 13  13  13  LEU LEU B . n 
B 1 14  ASP 14  14  14  ASP ASP B . n 
B 1 15  LYS 15  15  15  LYS LYS B . n 
B 1 16  GLU 16  16  16  GLU GLU B . n 
B 1 17  ASN 17  17  17  ASN ASN B . n 
B 1 18  ALA 18  18  18  ALA ALA B . n 
B 1 19  LEU 19  19  19  LEU LEU B . n 
B 1 20  ASP 20  20  20  ASP ASP B . n 
B 1 21  ARG 21  21  21  ARG ARG B . n 
B 1 22  ALA 22  22  22  ALA ALA B . n 
B 1 23  GLU 23  23  23  GLU GLU B . n 
B 1 24  GLN 24  24  24  GLN GLN B . n 
B 1 25  ALA 25  25  25  ALA ALA B . n 
B 1 26  GLU 26  26  26  GLU GLU B . n 
B 1 27  ALA 27  27  27  ALA ALA B . n 
B 1 28  ASP 28  28  28  ASP ASP B . n 
B 1 29  LYS 29  29  29  LYS LYS B . n 
B 1 30  LYS 30  30  30  LYS LYS B . n 
B 1 31  ALA 31  31  31  ALA ALA B . n 
B 1 32  ALA 32  32  32  ALA ALA B . n 
B 1 33  GLU 33  33  33  GLU GLU B . n 
B 1 34  ASP 34  34  34  ASP ASP B . n 
B 1 35  ARG 35  35  35  ARG ARG B . n 
B 1 36  SER 36  36  36  SER SER B . n 
B 1 37  LYS 37  37  37  LYS LYS B . n 
B 1 38  GLN 38  38  38  GLN GLN B . n 
B 1 39  LEU 39  39  39  LEU LEU B . n 
B 1 40  GLU 40  40  40  GLU GLU B . n 
B 1 41  ASP 41  41  41  ASP ASP B . n 
B 1 42  GLU 42  42  42  GLU GLU B . n 
B 1 43  LEU 43  43  43  LEU LEU B . n 
B 1 44  VAL 44  44  44  VAL VAL B . n 
B 1 45  SER 45  45  45  SER SER B . n 
B 1 46  LEU 46  46  46  LEU LEU B . n 
B 1 47  GLN 47  47  47  GLN GLN B . n 
B 1 48  LYS 48  48  48  LYS LYS B . n 
B 1 49  LYS 49  49  49  LYS LYS B . n 
B 1 50  LEU 50  50  50  LEU LEU B . n 
B 1 51  LYS 51  51  51  LYS LYS B . n 
B 1 52  GLY 52  52  52  GLY GLY B . n 
B 1 53  THR 53  53  53  THR THR B . n 
B 1 54  GLU 54  54  54  GLU GLU B . n 
B 1 55  ASP 55  55  55  ASP ASP B . n 
B 1 56  GLU 56  56  56  GLU GLU B . n 
B 1 57  LEU 57  57  57  LEU LEU B . n 
B 1 58  ASP 58  58  58  ASP ASP B . n 
B 1 59  LYS 59  59  59  LYS LYS B . n 
B 1 60  TYR 60  60  60  TYR TYR B . n 
B 1 61  SER 61  61  61  SER SER B . n 
B 1 62  GLU 62  62  62  GLU GLU B . n 
B 1 63  ALA 63  63  63  ALA ALA B . n 
B 1 64  LEU 64  64  64  LEU LEU B . n 
B 1 65  LYS 65  65  65  LYS LYS B . n 
B 1 66  ASP 66  66  66  ASP ASP B . n 
B 1 67  ALA 67  67  67  ALA ALA B . n 
B 1 68  GLN 68  68  68  GLN GLN B . n 
B 1 69  GLU 69  69  69  GLU GLU B . n 
B 1 70  LYS 70  70  70  LYS LYS B . n 
B 1 71  LEU 71  71  71  LEU LEU B . n 
B 1 72  GLU 72  72  72  GLU GLU B . n 
B 1 73  LEU 73  73  73  LEU LEU B . n 
B 1 74  ALA 74  74  74  ALA ALA B . n 
B 1 75  GLU 75  75  75  GLU GLU B . n 
B 1 76  LYS 76  76  76  LYS LYS B . n 
B 1 77  LYS 77  77  77  LYS LYS B . n 
B 1 78  ALA 78  78  78  ALA ALA B . n 
B 1 79  THR 79  79  79  THR THR B . n 
B 1 80  ASP 80  80  80  ASP ASP B . n 
B 1 81  ALA 81  81  81  ALA ALA B . n 
B 1 82  GLU 82  82  82  GLU GLU B . n 
B 1 83  ALA 83  83  83  ALA ALA B . n 
B 1 84  ASP 84  84  84  ASP ASP B . n 
B 1 85  VAL 85  85  85  VAL VAL B . n 
B 1 86  ALA 86  86  86  ALA ALA B . n 
B 1 87  SER 87  87  87  SER SER B . n 
B 1 88  LEU 88  88  88  LEU LEU B . n 
B 1 89  ASN 89  89  89  ASN ASN B . n 
B 1 90  ARG 90  90  90  ARG ARG B . n 
B 1 91  ARG 91  91  91  ARG ARG B . n 
B 1 92  ILE 92  92  92  ILE ILE B . n 
B 1 93  GLN 93  93  93  GLN GLN B . n 
B 1 94  LEU 94  94  94  LEU LEU B . n 
B 1 95  VAL 95  95  95  VAL VAL B . n 
B 1 96  GLU 96  96  96  GLU GLU B . n 
B 1 97  GLU 97  97  97  GLU GLU B . n 
B 1 98  GLU 98  98  98  GLU GLU B . n 
B 1 99  LEU 99  99  99  LEU LEU B . n 
B 1 100 ASP 100 100 100 ASP ASP B . n 
B 1 101 ARG 101 101 101 ARG ARG B . n 
B 1 102 ALA 102 102 102 ALA ALA B . n 
B 1 103 GLN 103 103 103 GLN GLN B . n 
B 1 104 GLU 104 104 104 GLU GLU B . n 
B 1 105 ARG 105 105 105 ARG ARG B . n 
B 1 106 LEU 106 106 106 LEU LEU B . n 
B 1 107 ALA 107 107 107 ALA ALA B . n 
B 1 108 THR 108 108 108 THR THR B . n 
B 1 109 ALA 109 109 109 ALA ALA B . n 
B 1 110 LEU 110 110 110 LEU LEU B . n 
B 1 111 GLN 111 111 111 GLN GLN B . n 
B 1 112 LYS 112 112 112 LYS LYS B . n 
B 1 113 LEU 113 113 113 LEU LEU B . n 
B 1 114 GLU 114 114 114 GLU GLU B . n 
B 1 115 GLU 115 115 115 GLU GLU B . n 
B 1 116 ALA 116 116 116 ALA ALA B . n 
B 1 117 GLU 117 117 117 GLU GLU B . n 
B 1 118 LYS 118 118 118 LYS LYS B . n 
B 1 119 ALA 119 119 119 ALA ALA B . n 
B 1 120 ALA 120 120 120 ALA ALA B . n 
B 1 121 ASP 121 121 121 ASP ASP B . n 
B 1 122 GLU 122 122 122 GLU GLU B . n 
B 1 123 SER 123 123 123 SER SER B . n 
B 1 124 GLU 124 124 124 GLU GLU B . n 
B 1 125 ARG 125 125 125 ARG ARG B . n 
B 1 126 GLY 126 126 126 GLY GLY B . n 
B 1 127 MET 127 127 127 MET MET B . n 
B 1 128 LYS 128 128 128 LYS LYS B . n 
B 1 129 VAL 129 129 129 VAL VAL B . n 
B 1 130 ILE 130 130 130 ILE ILE B . n 
B 1 131 GLU 131 131 131 GLU GLU B . n 
B 1 132 SER 132 132 132 SER SER B . n 
B 1 133 ARG 133 133 133 ARG ARG B . n 
B 1 134 ALA 134 134 134 ALA ALA B . n 
B 1 135 GLN 135 135 135 GLN GLN B . n 
B 1 136 LYS 136 136 136 LYS LYS B . n 
B 1 137 ASP 137 137 137 ASP ASP B . n 
B 1 138 GLU 138 138 138 GLU GLU B . n 
B 1 139 GLU 139 139 139 GLU GLU B . n 
B 1 140 LYS 140 140 140 LYS LYS B . n 
B 1 141 MET 141 141 141 MET MET B . n 
B 1 142 GLU 142 142 142 GLU GLU B . n 
B 1 143 ILE 143 143 143 ILE ILE B . n 
B 1 144 GLN 144 144 144 GLN GLN B . n 
B 1 145 GLU 145 145 145 GLU GLU B . n 
B 1 146 ILE 146 146 146 ILE ILE B . n 
B 1 147 GLN 147 147 147 GLN GLN B . n 
B 1 148 LEU 148 148 148 LEU LEU B . n 
B 1 149 LYS 149 149 149 LYS LYS B . n 
B 1 150 GLU 150 150 150 GLU GLU B . n 
B 1 151 ALA 151 151 151 ALA ALA B . n 
B 1 152 LYS 152 152 152 LYS LYS B . n 
B 1 153 HIS 153 153 153 HIS HIS B . n 
B 1 154 ILE 154 154 154 ILE ILE B . n 
B 1 155 ALA 155 155 155 ALA ALA B . n 
B 1 156 GLU 156 156 156 GLU GLU B . n 
B 1 157 ASP 157 157 157 ASP ASP B . n 
B 1 158 ALA 158 158 158 ALA ALA B . n 
B 1 159 ASP 159 159 159 ASP ASP B . n 
B 1 160 ARG 160 160 160 ARG ARG B . n 
B 1 161 LYS 161 161 161 LYS LYS B . n 
B 1 162 TYR 162 162 162 TYR TYR B . n 
B 1 163 GLU 163 163 163 GLU GLU B . n 
B 1 164 GLU 164 164 164 GLU GLU B . n 
B 1 165 VAL 165 165 165 VAL VAL B . n 
B 1 166 ALA 166 166 166 ALA ALA B . n 
B 1 167 ARG 167 167 167 ARG ARG B . n 
B 1 168 LYS 168 168 168 LYS LYS B . n 
B 1 169 LEU 169 169 169 LEU LEU B . n 
B 1 170 VAL 170 170 170 VAL VAL B . n 
B 1 171 ILE 171 171 171 ILE ILE B . n 
B 1 172 ILE 172 172 172 ILE ILE B . n 
B 1 173 GLU 173 173 173 GLU GLU B . n 
B 1 174 SER 174 174 174 SER SER B . n 
B 1 175 ASP 175 175 175 ASP ASP B . n 
B 1 176 LEU 176 176 176 LEU LEU B . n 
B 1 177 GLU 177 177 177 GLU GLU B . n 
B 1 178 ARG 178 178 178 ARG ARG B . n 
B 1 179 ALA 179 179 179 ALA ALA B . n 
B 1 180 GLU 180 180 180 GLU GLU B . n 
B 1 181 GLU 181 181 181 GLU GLU B . n 
B 1 182 ARG 182 182 182 ARG ARG B . n 
B 1 183 ALA 183 183 183 ALA ALA B . n 
B 1 184 GLU 184 184 184 GLU GLU B . n 
B 1 185 LEU 185 185 185 LEU LEU B . n 
B 1 186 SER 186 186 186 SER SER B . n 
B 1 187 GLU 187 187 187 GLU GLU B . n 
B 1 188 GLY 188 188 188 GLY GLY B . n 
B 1 189 LYS 189 189 189 LYS LYS B . n 
B 1 190 CYS 190 190 190 CYS CYS B . n 
B 1 191 ALA 191 191 191 ALA ALA B . n 
B 1 192 GLU 192 192 192 GLU GLU B . n 
B 1 193 LEU 193 193 193 LEU LEU B . n 
B 1 194 GLU 194 194 194 GLU GLU B . n 
B 1 195 GLU 195 195 195 GLU GLU B . n 
B 1 196 GLU 196 196 196 GLU GLU B . n 
B 1 197 ILE 197 197 197 ILE ILE B . n 
B 1 198 LYS 198 198 198 LYS LYS B . n 
B 1 199 THR 199 199 199 THR THR B . n 
B 1 200 VAL 200 200 200 VAL VAL B . n 
B 1 201 THR 201 201 201 THR THR B . n 
B 1 202 ASN 202 202 202 ASN ASN B . n 
B 1 203 ASN 203 203 203 ASN ASN B . n 
B 1 204 LEU 204 204 204 LEU LEU B . n 
B 1 205 LYS 205 205 205 LYS LYS B . n 
B 1 206 SER 206 206 206 SER SER B . n 
B 1 207 LEU 207 207 207 LEU LEU B . n 
B 1 208 GLU 208 208 208 GLU GLU B . n 
B 1 209 ALA 209 209 209 ALA ALA B . n 
B 1 210 GLN 210 210 210 GLN GLN B . n 
B 1 211 ALA 211 211 211 ALA ALA B . n 
B 1 212 GLU 212 212 212 GLU GLU B . n 
B 1 213 LYS 213 213 213 LYS LYS B . n 
B 1 214 TYR 214 214 214 TYR TYR B . n 
B 1 215 SER 215 215 215 SER SER B . n 
B 1 216 GLN 216 216 216 GLN GLN B . n 
B 1 217 LYS 217 217 217 LYS LYS B . n 
B 1 218 GLU 218 218 218 GLU GLU B . n 
B 1 219 ASP 219 219 219 ASP ASP B . n 
B 1 220 LYS 220 220 220 LYS LYS B . n 
B 1 221 TYR 221 221 221 TYR TYR B . n 
B 1 222 GLU 222 222 222 GLU GLU B . n 
B 1 223 GLU 223 223 223 GLU GLU B . n 
B 1 224 GLU 224 224 224 GLU GLU B . n 
B 1 225 ILE 225 225 225 ILE ILE B . n 
B 1 226 LYS 226 226 226 LYS LYS B . n 
B 1 227 VAL 227 227 227 VAL VAL B . n 
B 1 228 LEU 228 228 228 LEU LEU B . n 
B 1 229 SER 229 229 229 SER SER B . n 
B 1 230 ASP 230 230 230 ASP ASP B . n 
B 1 231 LYS 231 231 231 LYS LYS B . n 
B 1 232 LEU 232 232 232 LEU LEU B . n 
B 1 233 LYS 233 233 233 LYS LYS B . n 
B 1 234 GLU 234 234 234 GLU GLU B . n 
B 1 235 ALA 235 235 235 ALA ALA B . n 
B 1 236 GLU 236 236 236 GLU GLU B . n 
B 1 237 THR 237 237 237 THR THR B . n 
B 1 238 ARG 238 238 238 ARG ARG B . n 
B 1 239 ALA 239 239 239 ALA ALA B . n 
B 1 240 GLU 240 240 240 GLU GLU B . n 
B 1 241 PHE 241 241 241 PHE PHE B . n 
B 1 242 ALA 242 242 242 ALA ALA B . n 
B 1 243 GLU 243 243 243 GLU GLU B . n 
B 1 244 ARG 244 244 244 ARG ARG B . n 
B 1 245 SER 245 245 245 SER SER B . n 
B 1 246 VAL 246 246 246 VAL VAL B . n 
B 1 247 THR 247 247 247 THR THR B . n 
B 1 248 LYS 248 248 248 LYS LYS B . n 
B 1 249 LEU 249 249 249 LEU LEU B . n 
B 1 250 GLU 250 250 250 GLU GLU B . n 
B 1 251 LYS 251 251 251 LYS LYS B . n 
B 1 252 SER 252 252 252 SER SER B . n 
B 1 253 ILE 253 253 253 ILE ILE B . n 
B 1 254 ASP 254 254 254 ASP ASP B . n 
B 1 255 ASP 255 255 255 ASP ASP B . n 
B 1 256 LEU 256 256 256 LEU LEU B . n 
B 1 257 GLU 257 257 257 GLU GLU B . n 
B 1 258 ASP 258 258 258 ASP ASP B . n 
B 1 259 GLU 259 259 259 GLU GLU B . n 
B 1 260 LEU 260 260 260 LEU LEU B . n 
B 1 261 TYR 261 261 261 TYR TYR B . n 
B 1 262 ALA 262 262 262 ALA ALA B . n 
B 1 263 GLN 263 263 263 GLN GLN B . n 
B 1 264 LYS 264 264 264 LYS LYS B . n 
B 1 265 LEU 265 265 265 LEU LEU B . n 
B 1 266 LYS 266 266 266 LYS LYS B . n 
B 1 267 TYR 267 267 267 TYR TYR B . n 
B 1 268 LYS 268 268 268 LYS LYS B . n 
B 1 269 ALA 269 269 269 ALA ALA B . n 
B 1 270 ILE 270 270 270 ILE ILE B . n 
B 1 271 SER 271 271 271 SER SER B . n 
B 1 272 GLU 272 272 272 GLU GLU B . n 
B 1 273 GLU 273 273 273 GLU GLU B . n 
B 1 274 LEU 274 274 274 LEU LEU B . n 
B 1 275 ASP 275 275 275 ASP ASP B . n 
B 1 276 HIS 276 276 276 HIS HIS B . n 
B 1 277 ALA 277 277 277 ALA ALA B . n 
B 1 278 LEU 278 278 278 LEU LEU B . n 
B 1 279 ASN 279 279 279 ASN ASN B . n 
B 1 280 ASP 280 280 280 ASP ASP B . n 
B 1 281 MET 281 281 281 MET MET B . n 
B 1 282 THR 282 282 282 THR THR B . n 
B 1 283 SER 283 283 283 SER SER B . n 
B 1 284 ILE 284 284 284 ILE ILE B . n 
# 
_cell.entry_id           2TMA 
_cell.length_a           119.600 
_cell.length_b           240.000 
_cell.length_c           298.000 
_cell.angle_alpha        90.00 
_cell.angle_beta         90.00 
_cell.angle_gamma        90.00 
_cell.Z_PDB              8 
_cell.pdbx_unique_axis   ? 
# 
_symmetry.entry_id                         2TMA 
_symmetry.space_group_name_H-M             'P 21 21 2' 
_symmetry.pdbx_full_space_group_name_H-M   ? 
_symmetry.cell_setting                     ? 
_symmetry.Int_Tables_number                18 
# 
_exptl.entry_id          2TMA 
_exptl.method            'X-RAY DIFFRACTION' 
_exptl.crystals_number   ? 
# 
_exptl_crystal.id                    1 
_exptl_crystal.density_meas          ? 
_exptl_crystal.density_Matthews      ? 
_exptl_crystal.density_percent_sol   ? 
_exptl_crystal.description           ? 
# 
_diffrn.id                     1 
_diffrn.crystal_id             1 
_diffrn.ambient_temp           ? 
_diffrn.ambient_temp_details   ? 
# 
_refine.entry_id                                 2TMA 
_refine.ls_number_reflns_obs                     ? 
_refine.ls_number_reflns_all                     ? 
_refine.pdbx_ls_sigma_I                          ? 
_refine.pdbx_ls_sigma_F                          ? 
_refine.pdbx_data_cutoff_high_absF               ? 
_refine.pdbx_data_cutoff_low_absF                ? 
_refine.pdbx_data_cutoff_high_rms_absF           ? 
_refine.ls_d_res_low                             ? 
_refine.ls_d_res_high                            15.0 
_refine.ls_percent_reflns_obs                    ? 
_refine.ls_R_factor_obs                          ? 
_refine.ls_R_factor_all                          ? 
_refine.ls_R_factor_R_work                       ? 
_refine.ls_R_factor_R_free                       ? 
_refine.ls_R_factor_R_free_error                 ? 
_refine.ls_R_factor_R_free_error_details         ? 
_refine.ls_percent_reflns_R_free                 ? 
_refine.ls_number_reflns_R_free                  ? 
_refine.ls_number_parameters                     ? 
_refine.ls_number_restraints                     ? 
_refine.occupancy_min                            ? 
_refine.occupancy_max                            ? 
_refine.B_iso_mean                               ? 
_refine.aniso_B[1][1]                            ? 
_refine.aniso_B[2][2]                            ? 
_refine.aniso_B[3][3]                            ? 
_refine.aniso_B[1][2]                            ? 
_refine.aniso_B[1][3]                            ? 
_refine.aniso_B[2][3]                            ? 
_refine.solvent_model_details                    ? 
_refine.solvent_model_param_ksol                 ? 
_refine.solvent_model_param_bsol                 ? 
_refine.pdbx_ls_cross_valid_method               ? 
_refine.details                                  'THE MOLECULE RUNS ALONG THE BODY DIAGONAL OF THE UNIT CELL.' 
_refine.pdbx_starting_model                      ? 
_refine.pdbx_method_to_determine_struct          ? 
_refine.pdbx_isotropic_thermal_model             ? 
_refine.pdbx_stereochemistry_target_values       ? 
_refine.pdbx_stereochem_target_val_spec_case     ? 
_refine.pdbx_R_Free_selection_details            ? 
_refine.pdbx_overall_ESU_R                       ? 
_refine.pdbx_overall_ESU_R_Free                  ? 
_refine.overall_SU_ML                            ? 
_refine.overall_SU_B                             ? 
_refine.pdbx_refine_id                           'X-RAY DIFFRACTION' 
_refine.pdbx_diffrn_id                           1 
_refine.pdbx_TLS_residual_ADP_flag               ? 
_refine.correlation_coeff_Fo_to_Fc               ? 
_refine.correlation_coeff_Fo_to_Fc_free          ? 
_refine.pdbx_solvent_vdw_probe_radii             ? 
_refine.pdbx_solvent_ion_probe_radii             ? 
_refine.pdbx_solvent_shrinkage_radii             ? 
_refine.pdbx_overall_phase_error                 ? 
_refine.overall_SU_R_Cruickshank_DPI             ? 
_refine.pdbx_overall_SU_R_free_Cruickshank_DPI   ? 
_refine.pdbx_overall_SU_R_Blow_DPI               ? 
_refine.pdbx_overall_SU_R_free_Blow_DPI          ? 
# 
_refine_hist.pdbx_refine_id                   'X-RAY DIFFRACTION' 
_refine_hist.cycle_id                         LAST 
_refine_hist.pdbx_number_atoms_protein        568 
_refine_hist.pdbx_number_atoms_nucleic_acid   0 
_refine_hist.pdbx_number_atoms_ligand         0 
_refine_hist.number_atoms_solvent             0 
_refine_hist.number_atoms_total               568 
_refine_hist.d_res_high                       15.0 
_refine_hist.d_res_low                        . 
# 
_struct.entry_id                  2TMA 
_struct.title                     
;TROPOMYOSIN CRYSTAL STRUCTURE AND MUSCLE REGULATION. APPENDIX. CONSTRUCTION OF AN ATOMIC MODEL FOR TROPOMYOSIN AND IMPLICATIONS FOR INTERACTIONS WITH ACTIN
;
_struct.pdbx_model_details        ? 
_struct.pdbx_CASP_flag            ? 
_struct.pdbx_model_type_details   ? 
# 
_struct_keywords.entry_id        2TMA 
_struct_keywords.pdbx_keywords   'CONTRACTILE SYSTEM PROTEIN' 
_struct_keywords.text            'CONTRACTILE SYSTEM PROTEIN' 
# 
loop_
_struct_asym.id 
_struct_asym.pdbx_blank_PDB_chainid_flag 
_struct_asym.pdbx_modified 
_struct_asym.entity_id 
_struct_asym.details 
A N N 1 ? 
B N N 1 ? 
# 
_struct_ref.id                         1 
_struct_ref.db_name                    UNP 
_struct_ref.db_code                    TPM1_RABIT 
_struct_ref.entity_id                  1 
_struct_ref.pdbx_db_accession          P58772 
_struct_ref.pdbx_align_begin           1 
_struct_ref.pdbx_seq_one_letter_code   
;MDAIKKKMQMLKLDKENALDRAEQAEADKKAAEDRSKQLEDELVSLQKKLKGTEDELDKYSEALKDAQEKLELAEKKATD
AEADVASLNRRIQLVEEELDRAQERLATALQKLEEAEKAADESERGMKVIESRAQKDEEKMEIQEIQLKEAKHIAEDADR
KYEEVARKLVIIESDLERAEERAELSEGKCAELEEELKTVTNNLKSLEAQAEKYSQKEDKYEEEIKVLSDKLKEAETRAE
FAERSVTKLEKSIDDLEDELYAQKLKYKAISEELDHALNDMTSI
;
_struct_ref.pdbx_db_isoform            ? 
# 
loop_
_struct_ref_seq.align_id 
_struct_ref_seq.ref_id 
_struct_ref_seq.pdbx_PDB_id_code 
_struct_ref_seq.pdbx_strand_id 
_struct_ref_seq.seq_align_beg 
_struct_ref_seq.pdbx_seq_align_beg_ins_code 
_struct_ref_seq.seq_align_end 
_struct_ref_seq.pdbx_seq_align_end_ins_code 
_struct_ref_seq.pdbx_db_accession 
_struct_ref_seq.db_align_beg 
_struct_ref_seq.pdbx_db_align_beg_ins_code 
_struct_ref_seq.db_align_end 
_struct_ref_seq.pdbx_db_align_end_ins_code 
_struct_ref_seq.pdbx_auth_seq_align_beg 
_struct_ref_seq.pdbx_auth_seq_align_end 
1 1 2TMA A 1 ? 284 ? P58772 1 ? 284 ? 1 284 
2 1 2TMA B 1 ? 284 ? P58772 1 ? 284 ? 1 284 
# 
loop_
_struct_ref_seq_dif.align_id 
_struct_ref_seq_dif.pdbx_pdb_id_code 
_struct_ref_seq_dif.mon_id 
_struct_ref_seq_dif.pdbx_pdb_strand_id 
_struct_ref_seq_dif.seq_num 
_struct_ref_seq_dif.pdbx_pdb_ins_code 
_struct_ref_seq_dif.pdbx_seq_db_name 
_struct_ref_seq_dif.pdbx_seq_db_accession_code 
_struct_ref_seq_dif.db_mon_id 
_struct_ref_seq_dif.pdbx_seq_db_seq_num 
_struct_ref_seq_dif.details 
_struct_ref_seq_dif.pdbx_auth_seq_num 
_struct_ref_seq_dif.pdbx_ordinal 
1 2TMA ILE A 197 ? UNP P58772 LEU 197 conflict 197 1 
2 2TMA ILE B 197 ? UNP P58772 LEU 197 conflict 197 2 
# 
_pdbx_struct_assembly.id                   1 
_pdbx_struct_assembly.details              author_defined_assembly 
_pdbx_struct_assembly.method_details       ? 
_pdbx_struct_assembly.oligomeric_details   dimeric 
_pdbx_struct_assembly.oligomeric_count     2 
# 
_pdbx_struct_assembly_gen.assembly_id       1 
_pdbx_struct_assembly_gen.oper_expression   1 
_pdbx_struct_assembly_gen.asym_id_list      A,B 
# 
_pdbx_struct_oper_list.id                   1 
_pdbx_struct_oper_list.type                 'identity operation' 
_pdbx_struct_oper_list.name                 1_555 
_pdbx_struct_oper_list.symmetry_operation   x,y,z 
_pdbx_struct_oper_list.matrix[1][1]         1.0000000000 
_pdbx_struct_oper_list.matrix[1][2]         0.0000000000 
_pdbx_struct_oper_list.matrix[1][3]         0.0000000000 
_pdbx_struct_oper_list.vector[1]            0.0000000000 
_pdbx_struct_oper_list.matrix[2][1]         0.0000000000 
_pdbx_struct_oper_list.matrix[2][2]         1.0000000000 
_pdbx_struct_oper_list.matrix[2][3]         0.0000000000 
_pdbx_struct_oper_list.vector[2]            0.0000000000 
_pdbx_struct_oper_list.matrix[3][1]         0.0000000000 
_pdbx_struct_oper_list.matrix[3][2]         0.0000000000 
_pdbx_struct_oper_list.matrix[3][3]         1.0000000000 
_pdbx_struct_oper_list.vector[3]            0.0000000000 
# 
_struct_biol.id   1 
# 
loop_
_struct_conf.conf_type_id 
_struct_conf.id 
_struct_conf.pdbx_PDB_helix_id 
_struct_conf.beg_label_comp_id 
_struct_conf.beg_label_asym_id 
_struct_conf.beg_label_seq_id 
_struct_conf.pdbx_beg_PDB_ins_code 
_struct_conf.end_label_comp_id 
_struct_conf.end_label_asym_id 
_struct_conf.end_label_seq_id 
_struct_conf.pdbx_end_PDB_ins_code 
_struct_conf.beg_auth_comp_id 
_struct_conf.beg_auth_asym_id 
_struct_conf.beg_auth_seq_id 
_struct_conf.end_auth_comp_id 
_struct_conf.end_auth_asym_id 
_struct_conf.end_auth_seq_id 
_struct_conf.pdbx_PDB_helix_class 
_struct_conf.details 
_struct_conf.pdbx_PDB_helix_length 
HELX_P HELX_P1 H1 MET A 10 ? ASN A 279 ? MET A 10 ASN A 279 1 ? 270 
HELX_P HELX_P2 H2 MET B 8  ? HIS B 276 ? MET B 8  HIS B 276 1 ? 269 
# 
_struct_conf_type.id          HELX_P 
_struct_conf_type.criteria    ? 
_struct_conf_type.reference   ? 
# 
_pdbx_entry_details.entry_id                 2TMA 
_pdbx_entry_details.compound_details         
;THE MOLECULE CONSISTS OF TWO LONG HELICES MADE UP OF
TWO POLYPEPTIDE CHAINS WITH IDENTICAL AMINO ACID SEQUENCE.
;
_pdbx_entry_details.source_details           ? 
_pdbx_entry_details.nonpolymer_details       ? 
_pdbx_entry_details.sequence_details         ? 
_pdbx_entry_details.has_ligand_of_interest   ? 
# 
loop_
_chem_comp_atom.comp_id 
_chem_comp_atom.atom_id 
_chem_comp_atom.type_symbol 
_chem_comp_atom.pdbx_aromatic_flag 
_chem_comp_atom.pdbx_stereo_config 
_chem_comp_atom.pdbx_ordinal 
ALA N    N N N 1   
ALA CA   C N S 2   
ALA C    C N N 3   
ALA O    O N N 4   
ALA CB   C N N 5   
ALA OXT  O N N 6   
ALA H    H N N 7   
ALA H2   H N N 8   
ALA HA   H N N 9   
ALA HB1  H N N 10  
ALA HB2  H N N 11  
ALA HB3  H N N 12  
ALA HXT  H N N 13  
ARG N    N N N 14  
ARG CA   C N S 15  
ARG C    C N N 16  
ARG O    O N N 17  
ARG CB   C N N 18  
ARG CG   C N N 19  
ARG CD   C N N 20  
ARG NE   N N N 21  
ARG CZ   C N N 22  
ARG NH1  N N N 23  
ARG NH2  N N N 24  
ARG OXT  O N N 25  
ARG H    H N N 26  
ARG H2   H N N 27  
ARG HA   H N N 28  
ARG HB2  H N N 29  
ARG HB3  H N N 30  
ARG HG2  H N N 31  
ARG HG3  H N N 32  
ARG HD2  H N N 33  
ARG HD3  H N N 34  
ARG HE   H N N 35  
ARG HH11 H N N 36  
ARG HH12 H N N 37  
ARG HH21 H N N 38  
ARG HH22 H N N 39  
ARG HXT  H N N 40  
ASN N    N N N 41  
ASN CA   C N S 42  
ASN C    C N N 43  
ASN O    O N N 44  
ASN CB   C N N 45  
ASN CG   C N N 46  
ASN OD1  O N N 47  
ASN ND2  N N N 48  
ASN OXT  O N N 49  
ASN H    H N N 50  
ASN H2   H N N 51  
ASN HA   H N N 52  
ASN HB2  H N N 53  
ASN HB3  H N N 54  
ASN HD21 H N N 55  
ASN HD22 H N N 56  
ASN HXT  H N N 57  
ASP N    N N N 58  
ASP CA   C N S 59  
ASP C    C N N 60  
ASP O    O N N 61  
ASP CB   C N N 62  
ASP CG   C N N 63  
ASP OD1  O N N 64  
ASP OD2  O N N 65  
ASP OXT  O N N 66  
ASP H    H N N 67  
ASP H2   H N N 68  
ASP HA   H N N 69  
ASP HB2  H N N 70  
ASP HB3  H N N 71  
ASP HD2  H N N 72  
ASP HXT  H N N 73  
CYS N    N N N 74  
CYS CA   C N R 75  
CYS C    C N N 76  
CYS O    O N N 77  
CYS CB   C N N 78  
CYS SG   S N N 79  
CYS OXT  O N N 80  
CYS H    H N N 81  
CYS H2   H N N 82  
CYS HA   H N N 83  
CYS HB2  H N N 84  
CYS HB3  H N N 85  
CYS HG   H N N 86  
CYS HXT  H N N 87  
GLN N    N N N 88  
GLN CA   C N S 89  
GLN C    C N N 90  
GLN O    O N N 91  
GLN CB   C N N 92  
GLN CG   C N N 93  
GLN CD   C N N 94  
GLN OE1  O N N 95  
GLN NE2  N N N 96  
GLN OXT  O N N 97  
GLN H    H N N 98  
GLN H2   H N N 99  
GLN HA   H N N 100 
GLN HB2  H N N 101 
GLN HB3  H N N 102 
GLN HG2  H N N 103 
GLN HG3  H N N 104 
GLN HE21 H N N 105 
GLN HE22 H N N 106 
GLN HXT  H N N 107 
GLU N    N N N 108 
GLU CA   C N S 109 
GLU C    C N N 110 
GLU O    O N N 111 
GLU CB   C N N 112 
GLU CG   C N N 113 
GLU CD   C N N 114 
GLU OE1  O N N 115 
GLU OE2  O N N 116 
GLU OXT  O N N 117 
GLU H    H N N 118 
GLU H2   H N N 119 
GLU HA   H N N 120 
GLU HB2  H N N 121 
GLU HB3  H N N 122 
GLU HG2  H N N 123 
GLU HG3  H N N 124 
GLU HE2  H N N 125 
GLU HXT  H N N 126 
GLY N    N N N 127 
GLY CA   C N N 128 
GLY C    C N N 129 
GLY O    O N N 130 
GLY OXT  O N N 131 
GLY H    H N N 132 
GLY H2   H N N 133 
GLY HA2  H N N 134 
GLY HA3  H N N 135 
GLY HXT  H N N 136 
HIS N    N N N 137 
HIS CA   C N S 138 
HIS C    C N N 139 
HIS O    O N N 140 
HIS CB   C N N 141 
HIS CG   C Y N 142 
HIS ND1  N Y N 143 
HIS CD2  C Y N 144 
HIS CE1  C Y N 145 
HIS NE2  N Y N 146 
HIS OXT  O N N 147 
HIS H    H N N 148 
HIS H2   H N N 149 
HIS HA   H N N 150 
HIS HB2  H N N 151 
HIS HB3  H N N 152 
HIS HD1  H N N 153 
HIS HD2  H N N 154 
HIS HE1  H N N 155 
HIS HE2  H N N 156 
HIS HXT  H N N 157 
ILE N    N N N 158 
ILE CA   C N S 159 
ILE C    C N N 160 
ILE O    O N N 161 
ILE CB   C N S 162 
ILE CG1  C N N 163 
ILE CG2  C N N 164 
ILE CD1  C N N 165 
ILE OXT  O N N 166 
ILE H    H N N 167 
ILE H2   H N N 168 
ILE HA   H N N 169 
ILE HB   H N N 170 
ILE HG12 H N N 171 
ILE HG13 H N N 172 
ILE HG21 H N N 173 
ILE HG22 H N N 174 
ILE HG23 H N N 175 
ILE HD11 H N N 176 
ILE HD12 H N N 177 
ILE HD13 H N N 178 
ILE HXT  H N N 179 
LEU N    N N N 180 
LEU CA   C N S 181 
LEU C    C N N 182 
LEU O    O N N 183 
LEU CB   C N N 184 
LEU CG   C N N 185 
LEU CD1  C N N 186 
LEU CD2  C N N 187 
LEU OXT  O N N 188 
LEU H    H N N 189 
LEU H2   H N N 190 
LEU HA   H N N 191 
LEU HB2  H N N 192 
LEU HB3  H N N 193 
LEU HG   H N N 194 
LEU HD11 H N N 195 
LEU HD12 H N N 196 
LEU HD13 H N N 197 
LEU HD21 H N N 198 
LEU HD22 H N N 199 
LEU HD23 H N N 200 
LEU HXT  H N N 201 
LYS N    N N N 202 
LYS CA   C N S 203 
LYS C    C N N 204 
LYS O    O N N 205 
LYS CB   C N N 206 
LYS CG   C N N 207 
LYS CD   C N N 208 
LYS CE   C N N 209 
LYS NZ   N N N 210 
LYS OXT  O N N 211 
LYS H    H N N 212 
LYS H2   H N N 213 
LYS HA   H N N 214 
LYS HB2  H N N 215 
LYS HB3  H N N 216 
LYS HG2  H N N 217 
LYS HG3  H N N 218 
LYS HD2  H N N 219 
LYS HD3  H N N 220 
LYS HE2  H N N 221 
LYS HE3  H N N 222 
LYS HZ1  H N N 223 
LYS HZ2  H N N 224 
LYS HZ3  H N N 225 
LYS HXT  H N N 226 
MET N    N N N 227 
MET CA   C N S 228 
MET C    C N N 229 
MET O    O N N 230 
MET CB   C N N 231 
MET CG   C N N 232 
MET SD   S N N 233 
MET CE   C N N 234 
MET OXT  O N N 235 
MET H    H N N 236 
MET H2   H N N 237 
MET HA   H N N 238 
MET HB2  H N N 239 
MET HB3  H N N 240 
MET HG2  H N N 241 
MET HG3  H N N 242 
MET HE1  H N N 243 
MET HE2  H N N 244 
MET HE3  H N N 245 
MET HXT  H N N 246 
PHE N    N N N 247 
PHE CA   C N S 248 
PHE C    C N N 249 
PHE O    O N N 250 
PHE CB   C N N 251 
PHE CG   C Y N 252 
PHE CD1  C Y N 253 
PHE CD2  C Y N 254 
PHE CE1  C Y N 255 
PHE CE2  C Y N 256 
PHE CZ   C Y N 257 
PHE OXT  O N N 258 
PHE H    H N N 259 
PHE H2   H N N 260 
PHE HA   H N N 261 
PHE HB2  H N N 262 
PHE HB3  H N N 263 
PHE HD1  H N N 264 
PHE HD2  H N N 265 
PHE HE1  H N N 266 
PHE HE2  H N N 267 
PHE HZ   H N N 268 
PHE HXT  H N N 269 
SER N    N N N 270 
SER CA   C N S 271 
SER C    C N N 272 
SER O    O N N 273 
SER CB   C N N 274 
SER OG   O N N 275 
SER OXT  O N N 276 
SER H    H N N 277 
SER H2   H N N 278 
SER HA   H N N 279 
SER HB2  H N N 280 
SER HB3  H N N 281 
SER HG   H N N 282 
SER HXT  H N N 283 
THR N    N N N 284 
THR CA   C N S 285 
THR C    C N N 286 
THR O    O N N 287 
THR CB   C N R 288 
THR OG1  O N N 289 
THR CG2  C N N 290 
THR OXT  O N N 291 
THR H    H N N 292 
THR H2   H N N 293 
THR HA   H N N 294 
THR HB   H N N 295 
THR HG1  H N N 296 
THR HG21 H N N 297 
THR HG22 H N N 298 
THR HG23 H N N 299 
THR HXT  H N N 300 
TYR N    N N N 301 
TYR CA   C N S 302 
TYR C    C N N 303 
TYR O    O N N 304 
TYR CB   C N N 305 
TYR CG   C Y N 306 
TYR CD1  C Y N 307 
TYR CD2  C Y N 308 
TYR CE1  C Y N 309 
TYR CE2  C Y N 310 
TYR CZ   C Y N 311 
TYR OH   O N N 312 
TYR OXT  O N N 313 
TYR H    H N N 314 
TYR H2   H N N 315 
TYR HA   H N N 316 
TYR HB2  H N N 317 
TYR HB3  H N N 318 
TYR HD1  H N N 319 
TYR HD2  H N N 320 
TYR HE1  H N N 321 
TYR HE2  H N N 322 
TYR HH   H N N 323 
TYR HXT  H N N 324 
VAL N    N N N 325 
VAL CA   C N S 326 
VAL C    C N N 327 
VAL O    O N N 328 
VAL CB   C N N 329 
VAL CG1  C N N 330 
VAL CG2  C N N 331 
VAL OXT  O N N 332 
VAL H    H N N 333 
VAL H2   H N N 334 
VAL HA   H N N 335 
VAL HB   H N N 336 
VAL HG11 H N N 337 
VAL HG12 H N N 338 
VAL HG13 H N N 339 
VAL HG21 H N N 340 
VAL HG22 H N N 341 
VAL HG23 H N N 342 
VAL HXT  H N N 343 
# 
loop_
_chem_comp_bond.comp_id 
_chem_comp_bond.atom_id_1 
_chem_comp_bond.atom_id_2 
_chem_comp_bond.value_order 
_chem_comp_bond.pdbx_aromatic_flag 
_chem_comp_bond.pdbx_stereo_config 
_chem_comp_bond.pdbx_ordinal 
ALA N   CA   sing N N 1   
ALA N   H    sing N N 2   
ALA N   H2   sing N N 3   
ALA CA  C    sing N N 4   
ALA CA  CB   sing N N 5   
ALA CA  HA   sing N N 6   
ALA C   O    doub N N 7   
ALA C   OXT  sing N N 8   
ALA CB  HB1  sing N N 9   
ALA CB  HB2  sing N N 10  
ALA CB  HB3  sing N N 11  
ALA OXT HXT  sing N N 12  
ARG N   CA   sing N N 13  
ARG N   H    sing N N 14  
ARG N   H2   sing N N 15  
ARG CA  C    sing N N 16  
ARG CA  CB   sing N N 17  
ARG CA  HA   sing N N 18  
ARG C   O    doub N N 19  
ARG C   OXT  sing N N 20  
ARG CB  CG   sing N N 21  
ARG CB  HB2  sing N N 22  
ARG CB  HB3  sing N N 23  
ARG CG  CD   sing N N 24  
ARG CG  HG2  sing N N 25  
ARG CG  HG3  sing N N 26  
ARG CD  NE   sing N N 27  
ARG CD  HD2  sing N N 28  
ARG CD  HD3  sing N N 29  
ARG NE  CZ   sing N N 30  
ARG NE  HE   sing N N 31  
ARG CZ  NH1  sing N N 32  
ARG CZ  NH2  doub N N 33  
ARG NH1 HH11 sing N N 34  
ARG NH1 HH12 sing N N 35  
ARG NH2 HH21 sing N N 36  
ARG NH2 HH22 sing N N 37  
ARG OXT HXT  sing N N 38  
ASN N   CA   sing N N 39  
ASN N   H    sing N N 40  
ASN N   H2   sing N N 41  
ASN CA  C    sing N N 42  
ASN CA  CB   sing N N 43  
ASN CA  HA   sing N N 44  
ASN C   O    doub N N 45  
ASN C   OXT  sing N N 46  
ASN CB  CG   sing N N 47  
ASN CB  HB2  sing N N 48  
ASN CB  HB3  sing N N 49  
ASN CG  OD1  doub N N 50  
ASN CG  ND2  sing N N 51  
ASN ND2 HD21 sing N N 52  
ASN ND2 HD22 sing N N 53  
ASN OXT HXT  sing N N 54  
ASP N   CA   sing N N 55  
ASP N   H    sing N N 56  
ASP N   H2   sing N N 57  
ASP CA  C    sing N N 58  
ASP CA  CB   sing N N 59  
ASP CA  HA   sing N N 60  
ASP C   O    doub N N 61  
ASP C   OXT  sing N N 62  
ASP CB  CG   sing N N 63  
ASP CB  HB2  sing N N 64  
ASP CB  HB3  sing N N 65  
ASP CG  OD1  doub N N 66  
ASP CG  OD2  sing N N 67  
ASP OD2 HD2  sing N N 68  
ASP OXT HXT  sing N N 69  
CYS N   CA   sing N N 70  
CYS N   H    sing N N 71  
CYS N   H2   sing N N 72  
CYS CA  C    sing N N 73  
CYS CA  CB   sing N N 74  
CYS CA  HA   sing N N 75  
CYS C   O    doub N N 76  
CYS C   OXT  sing N N 77  
CYS CB  SG   sing N N 78  
CYS CB  HB2  sing N N 79  
CYS CB  HB3  sing N N 80  
CYS SG  HG   sing N N 81  
CYS OXT HXT  sing N N 82  
GLN N   CA   sing N N 83  
GLN N   H    sing N N 84  
GLN N   H2   sing N N 85  
GLN CA  C    sing N N 86  
GLN CA  CB   sing N N 87  
GLN CA  HA   sing N N 88  
GLN C   O    doub N N 89  
GLN C   OXT  sing N N 90  
GLN CB  CG   sing N N 91  
GLN CB  HB2  sing N N 92  
GLN CB  HB3  sing N N 93  
GLN CG  CD   sing N N 94  
GLN CG  HG2  sing N N 95  
GLN CG  HG3  sing N N 96  
GLN CD  OE1  doub N N 97  
GLN CD  NE2  sing N N 98  
GLN NE2 HE21 sing N N 99  
GLN NE2 HE22 sing N N 100 
GLN OXT HXT  sing N N 101 
GLU N   CA   sing N N 102 
GLU N   H    sing N N 103 
GLU N   H2   sing N N 104 
GLU CA  C    sing N N 105 
GLU CA  CB   sing N N 106 
GLU CA  HA   sing N N 107 
GLU C   O    doub N N 108 
GLU C   OXT  sing N N 109 
GLU CB  CG   sing N N 110 
GLU CB  HB2  sing N N 111 
GLU CB  HB3  sing N N 112 
GLU CG  CD   sing N N 113 
GLU CG  HG2  sing N N 114 
GLU CG  HG3  sing N N 115 
GLU CD  OE1  doub N N 116 
GLU CD  OE2  sing N N 117 
GLU OE2 HE2  sing N N 118 
GLU OXT HXT  sing N N 119 
GLY N   CA   sing N N 120 
GLY N   H    sing N N 121 
GLY N   H2   sing N N 122 
GLY CA  C    sing N N 123 
GLY CA  HA2  sing N N 124 
GLY CA  HA3  sing N N 125 
GLY C   O    doub N N 126 
GLY C   OXT  sing N N 127 
GLY OXT HXT  sing N N 128 
HIS N   CA   sing N N 129 
HIS N   H    sing N N 130 
HIS N   H2   sing N N 131 
HIS CA  C    sing N N 132 
HIS CA  CB   sing N N 133 
HIS CA  HA   sing N N 134 
HIS C   O    doub N N 135 
HIS C   OXT  sing N N 136 
HIS CB  CG   sing N N 137 
HIS CB  HB2  sing N N 138 
HIS CB  HB3  sing N N 139 
HIS CG  ND1  sing Y N 140 
HIS CG  CD2  doub Y N 141 
HIS ND1 CE1  doub Y N 142 
HIS ND1 HD1  sing N N 143 
HIS CD2 NE2  sing Y N 144 
HIS CD2 HD2  sing N N 145 
HIS CE1 NE2  sing Y N 146 
HIS CE1 HE1  sing N N 147 
HIS NE2 HE2  sing N N 148 
HIS OXT HXT  sing N N 149 
ILE N   CA   sing N N 150 
ILE N   H    sing N N 151 
ILE N   H2   sing N N 152 
ILE CA  C    sing N N 153 
ILE CA  CB   sing N N 154 
ILE CA  HA   sing N N 155 
ILE C   O    doub N N 156 
ILE C   OXT  sing N N 157 
ILE CB  CG1  sing N N 158 
ILE CB  CG2  sing N N 159 
ILE CB  HB   sing N N 160 
ILE CG1 CD1  sing N N 161 
ILE CG1 HG12 sing N N 162 
ILE CG1 HG13 sing N N 163 
ILE CG2 HG21 sing N N 164 
ILE CG2 HG22 sing N N 165 
ILE CG2 HG23 sing N N 166 
ILE CD1 HD11 sing N N 167 
ILE CD1 HD12 sing N N 168 
ILE CD1 HD13 sing N N 169 
ILE OXT HXT  sing N N 170 
LEU N   CA   sing N N 171 
LEU N   H    sing N N 172 
LEU N   H2   sing N N 173 
LEU CA  C    sing N N 174 
LEU CA  CB   sing N N 175 
LEU CA  HA   sing N N 176 
LEU C   O    doub N N 177 
LEU C   OXT  sing N N 178 
LEU CB  CG   sing N N 179 
LEU CB  HB2  sing N N 180 
LEU CB  HB3  sing N N 181 
LEU CG  CD1  sing N N 182 
LEU CG  CD2  sing N N 183 
LEU CG  HG   sing N N 184 
LEU CD1 HD11 sing N N 185 
LEU CD1 HD12 sing N N 186 
LEU CD1 HD13 sing N N 187 
LEU CD2 HD21 sing N N 188 
LEU CD2 HD22 sing N N 189 
LEU CD2 HD23 sing N N 190 
LEU OXT HXT  sing N N 191 
LYS N   CA   sing N N 192 
LYS N   H    sing N N 193 
LYS N   H2   sing N N 194 
LYS CA  C    sing N N 195 
LYS CA  CB   sing N N 196 
LYS CA  HA   sing N N 197 
LYS C   O    doub N N 198 
LYS C   OXT  sing N N 199 
LYS CB  CG   sing N N 200 
LYS CB  HB2  sing N N 201 
LYS CB  HB3  sing N N 202 
LYS CG  CD   sing N N 203 
LYS CG  HG2  sing N N 204 
LYS CG  HG3  sing N N 205 
LYS CD  CE   sing N N 206 
LYS CD  HD2  sing N N 207 
LYS CD  HD3  sing N N 208 
LYS CE  NZ   sing N N 209 
LYS CE  HE2  sing N N 210 
LYS CE  HE3  sing N N 211 
LYS NZ  HZ1  sing N N 212 
LYS NZ  HZ2  sing N N 213 
LYS NZ  HZ3  sing N N 214 
LYS OXT HXT  sing N N 215 
MET N   CA   sing N N 216 
MET N   H    sing N N 217 
MET N   H2   sing N N 218 
MET CA  C    sing N N 219 
MET CA  CB   sing N N 220 
MET CA  HA   sing N N 221 
MET C   O    doub N N 222 
MET C   OXT  sing N N 223 
MET CB  CG   sing N N 224 
MET CB  HB2  sing N N 225 
MET CB  HB3  sing N N 226 
MET CG  SD   sing N N 227 
MET CG  HG2  sing N N 228 
MET CG  HG3  sing N N 229 
MET SD  CE   sing N N 230 
MET CE  HE1  sing N N 231 
MET CE  HE2  sing N N 232 
MET CE  HE3  sing N N 233 
MET OXT HXT  sing N N 234 
PHE N   CA   sing N N 235 
PHE N   H    sing N N 236 
PHE N   H2   sing N N 237 
PHE CA  C    sing N N 238 
PHE CA  CB   sing N N 239 
PHE CA  HA   sing N N 240 
PHE C   O    doub N N 241 
PHE C   OXT  sing N N 242 
PHE CB  CG   sing N N 243 
PHE CB  HB2  sing N N 244 
PHE CB  HB3  sing N N 245 
PHE CG  CD1  doub Y N 246 
PHE CG  CD2  sing Y N 247 
PHE CD1 CE1  sing Y N 248 
PHE CD1 HD1  sing N N 249 
PHE CD2 CE2  doub Y N 250 
PHE CD2 HD2  sing N N 251 
PHE CE1 CZ   doub Y N 252 
PHE CE1 HE1  sing N N 253 
PHE CE2 CZ   sing Y N 254 
PHE CE2 HE2  sing N N 255 
PHE CZ  HZ   sing N N 256 
PHE OXT HXT  sing N N 257 
SER N   CA   sing N N 258 
SER N   H    sing N N 259 
SER N   H2   sing N N 260 
SER CA  C    sing N N 261 
SER CA  CB   sing N N 262 
SER CA  HA   sing N N 263 
SER C   O    doub N N 264 
SER C   OXT  sing N N 265 
SER CB  OG   sing N N 266 
SER CB  HB2  sing N N 267 
SER CB  HB3  sing N N 268 
SER OG  HG   sing N N 269 
SER OXT HXT  sing N N 270 
THR N   CA   sing N N 271 
THR N   H    sing N N 272 
THR N   H2   sing N N 273 
THR CA  C    sing N N 274 
THR CA  CB   sing N N 275 
THR CA  HA   sing N N 276 
THR C   O    doub N N 277 
THR C   OXT  sing N N 278 
THR CB  OG1  sing N N 279 
THR CB  CG2  sing N N 280 
THR CB  HB   sing N N 281 
THR OG1 HG1  sing N N 282 
THR CG2 HG21 sing N N 283 
THR CG2 HG22 sing N N 284 
THR CG2 HG23 sing N N 285 
THR OXT HXT  sing N N 286 
TYR N   CA   sing N N 287 
TYR N   H    sing N N 288 
TYR N   H2   sing N N 289 
TYR CA  C    sing N N 290 
TYR CA  CB   sing N N 291 
TYR CA  HA   sing N N 292 
TYR C   O    doub N N 293 
TYR C   OXT  sing N N 294 
TYR CB  CG   sing N N 295 
TYR CB  HB2  sing N N 296 
TYR CB  HB3  sing N N 297 
TYR CG  CD1  doub Y N 298 
TYR CG  CD2  sing Y N 299 
TYR CD1 CE1  sing Y N 300 
TYR CD1 HD1  sing N N 301 
TYR CD2 CE2  doub Y N 302 
TYR CD2 HD2  sing N N 303 
TYR CE1 CZ   doub Y N 304 
TYR CE1 HE1  sing N N 305 
TYR CE2 CZ   sing Y N 306 
TYR CE2 HE2  sing N N 307 
TYR CZ  OH   sing N N 308 
TYR OH  HH   sing N N 309 
TYR OXT HXT  sing N N 310 
VAL N   CA   sing N N 311 
VAL N   H    sing N N 312 
VAL N   H2   sing N N 313 
VAL CA  C    sing N N 314 
VAL CA  CB   sing N N 315 
VAL CA  HA   sing N N 316 
VAL C   O    doub N N 317 
VAL C   OXT  sing N N 318 
VAL CB  CG1  sing N N 319 
VAL CB  CG2  sing N N 320 
VAL CB  HB   sing N N 321 
VAL CG1 HG11 sing N N 322 
VAL CG1 HG12 sing N N 323 
VAL CG1 HG13 sing N N 324 
VAL CG2 HG21 sing N N 325 
VAL CG2 HG22 sing N N 326 
VAL CG2 HG23 sing N N 327 
VAL OXT HXT  sing N N 328 
# 
loop_
_pdbx_coordinate_model.asym_id 
_pdbx_coordinate_model.type 
A 'CA ATOMS ONLY' 
B 'CA ATOMS ONLY' 
# 
_atom_sites.entry_id                    2TMA 
_atom_sites.fract_transf_matrix[1][1]   0.00717368 
_atom_sites.fract_transf_matrix[1][2]   0.00317465 
_atom_sites.fract_transf_matrix[1][3]   -0.00289244 
_atom_sites.fract_transf_matrix[2][1]   -0.00086814 
_atom_sites.fract_transf_matrix[2][2]   0.00363713 
_atom_sites.fract_transf_matrix[2][3]   0.00183888 
_atom_sites.fract_transf_matrix[3][1]   0.00157569 
_atom_sites.fract_transf_matrix[3][2]   -0.00102880 
_atom_sites.fract_transf_matrix[3][3]   0.00277876 
_atom_sites.fract_transf_vector[1]      -0.679619 
_atom_sites.fract_transf_vector[2]      0.671297 
_atom_sites.fract_transf_vector[3]      -0.636955 
# 
_atom_type.symbol   C 
# 
loop_
_atom_site.group_PDB 
_atom_site.id 
_atom_site.type_symbol 
_atom_site.label_atom_id 
_atom_site.label_alt_id 
_atom_site.label_comp_id 
_atom_site.label_asym_id 
_atom_site.label_entity_id 
_atom_site.label_seq_id 
_atom_site.pdbx_PDB_ins_code 
_atom_site.Cartn_x 
_atom_site.Cartn_y 
_atom_site.Cartn_z 
_atom_site.occupancy 
_atom_site.B_iso_or_equiv 
_atom_site.pdbx_formal_charge 
_atom_site.auth_seq_id 
_atom_site.auth_comp_id 
_atom_site.auth_asym_id 
_atom_site.auth_atom_id 
_atom_site.pdbx_PDB_model_num 
ATOM 1   C CA . MET A 1 1   ? 21.269  -40.168 -201.250 1.00 10.00 ? 1   MET A CA 1 
ATOM 2   C CA . ASP A 1 2   ? 22.113  -43.341 -199.059 1.00 10.00 ? 2   ASP A CA 1 
ATOM 3   C CA . ALA A 1 3   ? 23.541  -41.012 -196.292 1.00 10.00 ? 3   ALA A CA 1 
ATOM 4   C CA . ILE A 1 4   ? 20.701  -38.367 -195.975 1.00 10.00 ? 4   ILE A CA 1 
ATOM 5   C CA . LYS A 1 5   ? 18.112  -41.694 -196.396 1.00 10.00 ? 5   LYS A CA 1 
ATOM 6   C CA . LYS A 1 6   ? 19.833  -43.810 -193.612 1.00 10.00 ? 6   LYS A CA 1 
ATOM 7   C CA . LYS A 1 7   ? 20.197  -40.914 -191.195 1.00 10.00 ? 7   LYS A CA 1 
ATOM 8   C CA . MET A 1 8   ? 16.540  -39.625 -191.906 1.00 10.00 ? 8   MET A CA 1 
ATOM 9   C CA . GLN A 1 9   ? 15.333  -43.104 -190.388 1.00 10.00 ? 9   GLN A CA 1 
ATOM 10  C CA . MET A 1 10  ? 16.721  -41.930 -187.166 1.00 10.00 ? 10  MET A CA 1 
ATOM 11  C CA . LEU A 1 11  ? 13.867  -39.596 -185.976 1.00 10.00 ? 11  LEU A CA 1 
ATOM 12  C CA . LYS A 1 12  ? 10.175  -39.636 -185.188 1.00 10.00 ? 12  LYS A CA 1 
ATOM 13  C CA . LEU A 1 13  ? 10.694  -42.102 -182.356 1.00 10.00 ? 13  LEU A CA 1 
ATOM 14  C CA . ASP A 1 14  ? 13.477  -39.974 -180.888 1.00 10.00 ? 14  ASP A CA 1 
ATOM 15  C CA . LYS A 1 15  ? 11.346  -36.864 -181.109 1.00 10.00 ? 15  LYS A CA 1 
ATOM 16  C CA . GLU A 1 16  ? 8.481   -38.563 -179.323 1.00 10.00 ? 16  GLU A CA 1 
ATOM 17  C CA . ASN A 1 17  ? 10.769  -39.680 -176.508 1.00 10.00 ? 17  ASN A CA 1 
ATOM 18  C CA . ALA A 1 18  ? 12.191  -36.188 -176.158 1.00 10.00 ? 18  ALA A CA 1 
ATOM 19  C CA . LEU A 1 19  ? 8.734   -34.680 -176.025 1.00 10.00 ? 19  LEU A CA 1 
ATOM 20  C CA . ASP A 1 20  ? 7.679   -37.072 -173.287 1.00 10.00 ? 20  ASP A CA 1 
ATOM 21  C CA . ARG A 1 21  ? 10.777  -36.256 -171.260 1.00 10.00 ? 21  ARG A CA 1 
ATOM 22  C CA . ALA A 1 22  ? 10.187  -32.549 -171.673 1.00 10.00 ? 22  ALA A CA 1 
ATOM 23  C CA . GLU A 1 23  ? 6.606   -32.879 -170.513 1.00 10.00 ? 23  GLU A CA 1 
ATOM 24  C CA . GLN A 1 24  ? 7.682   -34.798 -167.431 1.00 10.00 ? 24  GLN A CA 1 
ATOM 25  C CA . ALA A 1 25  ? 10.319  -32.206 -166.633 1.00 10.00 ? 25  ALA A CA 1 
ATOM 26  C CA . GLU A 1 26  ? 7.820   -29.401 -167.003 1.00 10.00 ? 26  GLU A CA 1 
ATOM 27  C CA . ALA A 1 27  ? 5.398   -31.114 -164.655 1.00 10.00 ? 27  ALA A CA 1 
ATOM 28  C CA . ASP A 1 28  ? 8.129   -31.638 -162.088 1.00 10.00 ? 28  ASP A CA 1 
ATOM 29  C CA . LYS A 1 29  ? 9.190   -28.024 -162.342 1.00 10.00 ? 29  LYS A CA 1 
ATOM 30  C CA . LYS A 1 30  ? 5.640   -26.836 -161.836 1.00 10.00 ? 30  LYS A CA 1 
ATOM 31  C CA . ALA A 1 31  ? 5.252   -29.019 -158.771 1.00 10.00 ? 31  ALA A CA 1 
ATOM 32  C CA . ALA A 1 32  ? 8.520   -27.753 -157.353 1.00 10.00 ? 32  ALA A CA 1 
ATOM 33  C CA . GLU A 1 33  ? 7.494   -24.166 -157.922 1.00 10.00 ? 33  GLU A CA 1 
ATOM 34  C CA . ASP A 1 34  ? 4.198   -24.725 -156.155 1.00 10.00 ? 34  ASP A CA 1 
ATOM 35  C CA . ARG A 1 35  ? 5.954   -26.349 -153.225 1.00 10.00 ? 35  ARG A CA 1 
ATOM 36  C CA . SER A 1 36  ? 8.421   -23.499 -153.005 1.00 10.00 ? 36  SER A CA 1 
ATOM 37  C CA . LYS A 1 37  ? 5.633   -20.949 -152.991 1.00 10.00 ? 37  LYS A CA 1 
ATOM 38  C CA . GLN A 1 38  ? 3.834   -22.805 -150.227 1.00 10.00 ? 38  GLN A CA 1 
ATOM 39  C CA . LEU A 1 39  ? 7.013   -23.030 -148.196 1.00 10.00 ? 39  LEU A CA 1 
ATOM 40  C CA . GLU A 1 40  ? 7.658   -19.334 -148.602 1.00 10.00 ? 40  GLU A CA 1 
ATOM 41  C CA . ASP A 1 41  ? 4.155   -18.497 -147.438 1.00 10.00 ? 41  ASP A CA 1 
ATOM 42  C CA . GLU A 1 42  ? 4.534   -20.757 -144.428 1.00 10.00 ? 42  GLU A CA 1 
ATOM 43  C CA . LEU A 1 43  ? 7.860   -19.200 -143.556 1.00 10.00 ? 43  LEU A CA 1 
ATOM 44  C CA . VAL A 1 44  ? 6.398   -15.720 -143.734 1.00 10.00 ? 44  VAL A CA 1 
ATOM 45  C CA . SER A 1 45  ? 3.532   -16.720 -141.465 1.00 10.00 ? 45  SER A CA 1 
ATOM 46  C CA . LEU A 1 46  ? 5.924   -18.304 -139.004 1.00 10.00 ? 46  LEU A CA 1 
ATOM 47  C CA . GLN A 1 47  ? 8.076   -15.204 -138.939 1.00 10.00 ? 47  GLN A CA 1 
ATOM 48  C CA . LYS A 1 48  ? 5.070   -13.013 -138.228 1.00 10.00 ? 48  LYS A CA 1 
ATOM 49  C CA . LYS A 1 49  ? 3.956   -15.316 -135.435 1.00 10.00 ? 49  LYS A CA 1 
ATOM 50  C CA . LEU A 1 50  ? 7.419   -15.324 -133.930 1.00 10.00 ? 50  LEU A CA 1 
ATOM 51  C CA . LYS A 1 51  ? 7.555   -11.547 -133.952 1.00 10.00 ? 51  LYS A CA 1 
ATOM 52  C CA . GLY A 1 52  ? 4.183   -11.333 -132.226 1.00 10.00 ? 52  GLY A CA 1 
ATOM 53  C CA . THR A 1 53  ? 5.257   -13.868 -129.634 1.00 10.00 ? 53  THR A CA 1 
ATOM 54  C CA . GLU A 1 54  ? 8.441   -11.965 -128.937 1.00 10.00 ? 54  GLU A CA 1 
ATOM 55  C CA . ASP A 1 55  ? 6.516   -8.744  -128.410 1.00 10.00 ? 55  ASP A CA 1 
ATOM 56  C CA . GLU A 1 56  ? 4.105   -10.482 -126.054 1.00 10.00 ? 56  GLU A CA 1 
ATOM 57  C CA . LEU A 1 57  ? 6.957   -12.014 -124.115 1.00 10.00 ? 57  LEU A CA 1 
ATOM 58  C CA . ASP A 1 58  ? 8.627   -8.651  -123.699 1.00 10.00 ? 58  ASP A CA 1 
ATOM 59  C CA . LYS A 1 59  ? 5.405   -7.118  -122.406 1.00 10.00 ? 59  LYS A CA 1 
ATOM 60  C CA . TYR A 1 60  ? 4.910   -9.995  -120.001 1.00 10.00 ? 60  TYR A CA 1 
ATOM 61  C CA . SER A 1 61  ? 8.437   -9.654  -118.702 1.00 10.00 ? 61  SER A CA 1 
ATOM 62  C CA . GLU A 1 62  ? 7.947   -5.954  -118.054 1.00 10.00 ? 62  GLU A CA 1 
ATOM 63  C CA . ALA A 1 63  ? 4.696   -6.633  -116.220 1.00 10.00 ? 63  ALA A CA 1 
ATOM 64  C CA . LEU A 1 64  ? 6.327   -9.336  -114.150 1.00 10.00 ? 64  LEU A CA 1 
ATOM 65  C CA . LYS A 1 65  ? 9.149   -7.029  -113.161 1.00 10.00 ? 65  LYS A CA 1 
ATOM 66  C CA . ASP A 1 66  ? 6.690   -4.351  -112.079 1.00 10.00 ? 66  ASP A CA 1 
ATOM 67  C CA . ALA A 1 67  ? 4.698   -6.884  -110.097 1.00 10.00 ? 67  ALA A CA 1 
ATOM 68  C CA . GLN A 1 68  ? 7.816   -8.155  -108.396 1.00 10.00 ? 68  GLN A CA 1 
ATOM 69  C CA . GLU A 1 69  ? 8.811   -4.648  -107.385 1.00 10.00 ? 69  GLU A CA 1 
ATOM 70  C CA . LYS A 1 70  ? 5.347   -3.993  -105.999 1.00 10.00 ? 70  LYS A CA 1 
ATOM 71  C CA . LEU A 1 71  ? 5.400   -7.260  -104.110 1.00 10.00 ? 71  LEU A CA 1 
ATOM 72  C CA . GLU A 1 72  ? 8.757   -6.448  -102.590 1.00 10.00 ? 72  GLU A CA 1 
ATOM 73  C CA . LEU A 1 73  ? 7.512   -3.059  -101.459 1.00 10.00 ? 73  LEU A CA 1 
ATOM 74  C CA . ALA A 1 74  ? 4.402   -4.624  -99.992  1.00 10.00 ? 74  ALA A CA 1 
ATOM 75  C CA . GLU A 1 75  ? 6.449   -7.220  -98.178  1.00 10.00 ? 75  GLU A CA 1 
ATOM 76  C CA . LYS A 1 76  ? 8.679   -4.560  -96.694  1.00 10.00 ? 76  LYS A CA 1 
ATOM 77  C CA . LYS A 1 77  ? 5.661   -2.585  -95.561  1.00 10.00 ? 77  LYS A CA 1 
ATOM 78  C CA . ALA A 1 78  ? 4.103   -5.682  -94.075  1.00 10.00 ? 78  ALA A CA 1 
ATOM 79  C CA . THR A 1 79  ? 7.275   -6.502  -92.209  1.00 10.00 ? 79  THR A CA 1 
ATOM 80  C CA . ASP A 1 80  ? 7.445   -3.001  -90.816  1.00 10.00 ? 80  ASP A CA 1 
ATOM 81  C CA . ALA A 1 81  ? 3.816   -3.179  -89.793  1.00 10.00 ? 81  ALA A CA 1 
ATOM 82  C CA . GLU A 1 82  ? 4.354   -6.528  -88.148  1.00 10.00 ? 82  GLU A CA 1 
ATOM 83  C CA . ALA A 1 83  ? 7.312   -5.207  -86.227  1.00 10.00 ? 83  ALA A CA 1 
ATOM 84  C CA . ASP A 1 84  ? 5.310   -2.215  -85.108  1.00 10.00 ? 84  ASP A CA 1 
ATOM 85  C CA . VAL A 1 85  ? 2.437   -4.437  -84.096  1.00 10.00 ? 85  VAL A CA 1 
ATOM 86  C CA . ALA A 1 86  ? 4.744   -6.684  -82.138  1.00 10.00 ? 86  ALA A CA 1 
ATOM 87  C CA . SER A 1 87  ? 6.239   -3.718  -80.374  1.00 10.00 ? 87  SER A CA 1 
ATOM 88  C CA . LEU A 1 88  ? 2.797   -2.385  -79.607  1.00 10.00 ? 88  LEU A CA 1 
ATOM 89  C CA . ASN A 1 89  ? 1.693   -5.749  -78.315  1.00 10.00 ? 89  ASN A CA 1 
ATOM 90  C CA . ARG A 1 90  ? 4.730   -5.990  -76.109  1.00 10.00 ? 90  ARG A CA 1 
ATOM 91  C CA . ARG A 1 91  ? 4.103   -2.521  -74.798  1.00 10.00 ? 91  ARG A CA 1 
ATOM 92  C CA . ILE A 1 92  ? 0.476   -3.343  -74.180  1.00 10.00 ? 92  ILE A CA 1 
ATOM 93  C CA . GLN A 1 93  ? 1.414   -6.509  -72.364  1.00 10.00 ? 93  GLN A CA 1 
ATOM 94  C CA . LEU A 1 94  ? 3.877   -4.631  -70.242  1.00 10.00 ? 94  LEU A CA 1 
ATOM 95  C CA . VAL A 1 95  ? 1.292   -1.994  -69.500  1.00 10.00 ? 95  VAL A CA 1 
ATOM 96  C CA . GLU A 1 96  ? -1.254  -4.625  -68.608  1.00 10.00 ? 96  GLU A CA 1 
ATOM 97  C CA . GLU A 1 97  ? 1.195   -6.330  -66.317  1.00 10.00 ? 97  GLU A CA 1 
ATOM 98  C CA . GLU A 1 98  ? 2.028   -3.042  -64.697  1.00 10.00 ? 98  GLU A CA 1 
ATOM 99  C CA . LEU A 1 99  ? -1.633  -2.241  -64.294  1.00 10.00 ? 99  LEU A CA 1 
ATOM 100 C CA . ASP A 1 100 ? -2.292  -5.620  -62.761  1.00 10.00 ? 100 ASP A CA 1 
ATOM 101 C CA . ARG A 1 101 ? 0.585   -5.167  -60.387  1.00 10.00 ? 101 ARG A CA 1 
ATOM 102 C CA . ALA A 1 102 ? -0.644  -1.724  -59.479  1.00 10.00 ? 102 ALA A CA 1 
ATOM 103 C CA . GLN A 1 103 ? -4.134  -3.030  -58.904  1.00 10.00 ? 103 GLN A CA 1 
ATOM 104 C CA . GLU A 1 104 ? -2.820  -5.792  -56.705  1.00 10.00 ? 104 GLU A CA 1 
ATOM 105 C CA . ARG A 1 105 ? -0.740  -3.324  -54.773  1.00 10.00 ? 105 ARG A CA 1 
ATOM 106 C CA . LEU A 1 106 ? -3.702  -1.026  -54.379  1.00 10.00 ? 106 LEU A CA 1 
ATOM 107 C CA . ALA A 1 107 ? -5.856  -3.867  -53.149  1.00 10.00 ? 107 ALA A CA 1 
ATOM 108 C CA . THR A 1 108 ? -3.205  -4.886  -50.678  1.00 10.00 ? 108 THR A CA 1 
ATOM 109 C CA . ALA A 1 109 ? -2.851  -1.321  -49.502  1.00 10.00 ? 109 ALA A CA 1 
ATOM 110 C CA . LEU A 1 110 ? -6.583  -0.992  -49.084  1.00 10.00 ? 110 LEU A CA 1 
ATOM 111 C CA . GLN A 1 111 ? -6.721  -4.184  -47.076  1.00 10.00 ? 111 GLN A CA 1 
ATOM 112 C CA . LYS A 1 112 ? -3.862  -3.015  -44.917  1.00 10.00 ? 112 LYS A CA 1 
ATOM 113 C CA . LEU A 1 113 ? -5.527  0.326   -44.377  1.00 10.00 ? 113 LEU A CA 1 
ATOM 114 C CA . GLU A 1 114 ? -8.761  -1.341  -43.372  1.00 10.00 ? 114 GLU A CA 1 
ATOM 115 C CA . GLU A 1 115 ? -6.931  -3.574  -40.934  1.00 10.00 ? 115 GLU A CA 1 
ATOM 116 C CA . ALA A 1 116 ? -5.087  -0.610  -39.499  1.00 10.00 ? 116 ALA A CA 1 
ATOM 117 C CA . GLU A 1 117 ? -8.304  1.312   -39.074  1.00 10.00 ? 117 GLU A CA 1 
ATOM 118 C CA . LYS A 1 118 ? -9.907  -1.598  -37.265  1.00 10.00 ? 118 LYS A CA 1 
ATOM 119 C CA . ALA A 1 119 ? -6.896  -1.937  -35.004  1.00 10.00 ? 119 ALA A CA 1 
ATOM 120 C CA . ALA A 1 120 ? -6.928  1.760   -34.252  1.00 10.00 ? 120 ALA A CA 1 
ATOM 121 C CA . ASP A 1 121 ? -10.593 1.649   -33.344  1.00 10.00 ? 121 ASP A CA 1 
ATOM 122 C CA . GLU A 1 122 ? -10.007 -1.287  -31.018  1.00 10.00 ? 122 GLU A CA 1 
ATOM 123 C CA . SER A 1 123 ? -7.077  0.473   -29.405  1.00 10.00 ? 123 SER A CA 1 
ATOM 124 C CA . GLU A 1 124 ? -9.118  3.601   -28.863  1.00 10.00 ? 124 GLU A CA 1 
ATOM 125 C CA . ARG A 1 125 ? -11.884 1.621   -27.194  1.00 10.00 ? 125 ARG A CA 1 
ATOM 126 C CA . GLY A 1 126 ? -9.383  -0.126  -24.943  1.00 10.00 ? 126 GLY A CA 1 
ATOM 127 C CA . MET A 1 127 ? -7.783  3.162   -24.003  1.00 10.00 ? 127 MET A CA 1 
ATOM 128 C CA . LYS A 1 128 ? -11.131 4.652   -23.076  1.00 10.00 ? 128 LYS A CA 1 
ATOM 129 C CA . VAL A 1 129 ? -11.948 1.665   -20.873  1.00 10.00 ? 129 VAL A CA 1 
ATOM 130 C CA . ILE A 1 130 ? -8.564  1.869   -19.191  1.00 10.00 ? 130 ILE A CA 1 
ATOM 131 C CA . GLU A 1 131 ? -9.005  5.553   -18.501  1.00 10.00 ? 131 GLU A CA 1 
ATOM 132 C CA . SER A 1 132 ? -12.382 4.950   -16.884  1.00 10.00 ? 132 SER A CA 1 
ATOM 133 C CA . ARG A 1 133 ? -10.945 2.189   -14.707  1.00 10.00 ? 133 ARG A CA 1 
ATOM 134 C CA . ALA A 1 134 ? -8.056  4.383   -13.658  1.00 10.00 ? 134 ALA A CA 1 
ATOM 135 C CA . GLN A 1 135 ? -10.395 7.177   -12.649  1.00 10.00 ? 135 GLN A CA 1 
ATOM 136 C CA . LYS A 1 136 ? -12.473 4.798   -10.530  1.00 10.00 ? 136 LYS A CA 1 
ATOM 137 C CA . ASP A 1 137 ? -9.362  3.417   -8.868   1.00 10.00 ? 137 ASP A CA 1 
ATOM 138 C CA . GLU A 1 138 ? -8.116  6.889   -8.065   1.00 10.00 ? 138 GLU A CA 1 
ATOM 139 C CA . GLU A 1 139 ? -11.413 7.811   -6.434   1.00 10.00 ? 139 GLU A CA 1 
ATOM 140 C CA . LYS A 1 140 ? -11.366 4.641   -4.337   1.00 10.00 ? 140 LYS A CA 1 
ATOM 141 C CA . MET A 1 141 ? -7.803  5.286   -3.263   1.00 10.00 ? 141 MET A CA 1 
ATOM 142 C CA . GLU A 1 142 ? -8.648  8.805   -2.171   1.00 10.00 ? 142 GLU A CA 1 
ATOM 143 C CA . ILE A 1 143 ? -11.571 7.559   -0.084   1.00 10.00 ? 143 ILE A CA 1 
ATOM 144 C CA . GLN A 1 144 ? -9.404  4.899   1.523    1.00 10.00 ? 144 GLN A CA 1 
ATOM 145 C CA . GLU A 1 145 ? -6.736  7.430   2.371    1.00 10.00 ? 145 GLU A CA 1 
ATOM 146 C CA . ILE A 1 146 ? -9.270  9.700   4.044    1.00 10.00 ? 146 ILE A CA 1 
ATOM 147 C CA . GLN A 1 147 ? -10.641 6.810   6.090    1.00 10.00 ? 147 GLN A CA 1 
ATOM 148 C CA . LEU A 1 148 ? -7.161  5.778   7.137    1.00 10.00 ? 148 LEU A CA 1 
ATOM 149 C CA . LYS A 1 149 ? -6.340  9.288   8.271    1.00 10.00 ? 149 LYS A CA 1 
ATOM 150 C CA . GLU A 1 150 ? -9.503  9.454   10.362   1.00 10.00 ? 150 GLU A CA 1 
ATOM 151 C CA . ALA A 1 151 ? -8.749  6.090   11.927   1.00 10.00 ? 151 ALA A CA 1 
ATOM 152 C CA . LYS A 1 152 ? -5.227  7.153   12.767   1.00 10.00 ? 152 LYS A CA 1 
ATOM 153 C CA . HIS A 1 153 ? -6.469  10.302  14.461   1.00 10.00 ? 153 HIS A CA 1 
ATOM 154 C CA . ILE A 1 154 ? -8.978  8.318   16.498   1.00 10.00 ? 154 ILE A CA 1 
ATOM 155 C CA . ALA A 1 155 ? -6.323  5.833   17.516   1.00 10.00 ? 155 ALA A CA 1 
ATOM 156 C CA . GLU A 1 156 ? -4.011  8.601   18.644   1.00 10.00 ? 156 GLU A CA 1 
ATOM 157 C CA . ASP A 1 157 ? -6.755  10.161  20.741   1.00 10.00 ? 157 ASP A CA 1 
ATOM 158 C CA . ALA A 1 158 ? -7.576  6.815   22.301   1.00 10.00 ? 158 ALA A CA 1 
ATOM 159 C CA . ASP A 1 159 ? -3.946  6.190   23.119   1.00 10.00 ? 159 ASP A CA 1 
ATOM 160 C CA . ARG A 1 160 ? -3.639  9.567   24.796   1.00 10.00 ? 160 ARG A CA 1 
ATOM 161 C CA . LYS A 1 161 ? -6.759  8.922   26.841   1.00 10.00 ? 161 LYS A CA 1 
ATOM 162 C CA . TYR A 1 162 ? -5.490  5.517   27.866   1.00 10.00 ? 162 TYR A CA 1 
ATOM 163 C CA . GLU A 1 163 ? -2.178  6.965   28.963   1.00 10.00 ? 163 GLU A CA 1 
ATOM 164 C CA . GLU A 1 164 ? -3.923  9.604   31.039   1.00 10.00 ? 164 GLU A CA 1 
ATOM 165 C CA . VAL A 1 165 ? -6.147  6.994   32.628   1.00 10.00 ? 165 VAL A CA 1 
ATOM 166 C CA . ALA A 1 166 ? -3.174  4.820   33.450   1.00 10.00 ? 166 ALA A CA 1 
ATOM 167 C CA . ARG A 1 167 ? -1.383  7.721   35.081   1.00 10.00 ? 167 ARG A CA 1 
ATOM 168 C CA . LYS A 1 168 ? -4.452  8.566   37.121   1.00 10.00 ? 168 LYS A CA 1 
ATOM 169 C CA . LEU A 1 169 ? -4.835  4.969   38.196   1.00 10.00 ? 169 LEU A CA 1 
ATOM 170 C CA . VAL A 1 170 ? -1.222  4.802   39.280   1.00 10.00 ? 170 VAL A CA 1 
ATOM 171 C CA . ILE A 1 171 ? -1.597  7.976   41.299   1.00 10.00 ? 171 ILE A CA 1 
ATOM 172 C CA . ILE A 1 172 ? -4.748  6.662   42.917   1.00 10.00 ? 172 ILE A CA 1 
ATOM 173 C CA . GLU A 1 173 ? -3.058  3.406   43.797   1.00 10.00 ? 173 GLU A CA 1 
ATOM 174 C CA . SER A 1 174 ? -0.154  5.235   45.383   1.00 10.00 ? 174 SER A CA 1 
ATOM 175 C CA . ASP A 1 175 ? -2.521  7.406   47.377   1.00 10.00 ? 175 ASP A CA 1 
ATOM 176 C CA . LEU A 1 176 ? -4.469  4.383   48.522   1.00 10.00 ? 176 LEU A CA 1 
ATOM 177 C CA . GLU A 1 177 ? -1.309  2.647   49.644   1.00 10.00 ? 177 GLU A CA 1 
ATOM 178 C CA . ARG A 1 178 ? -0.228  5.703   51.589   1.00 10.00 ? 178 ARG A CA 1 
ATOM 179 C CA . ALA A 1 179 ? -3.635  5.978   53.195   1.00 10.00 ? 179 ALA A CA 1 
ATOM 180 C CA . GLU A 1 180 ? -3.577  2.335   54.174   1.00 10.00 ? 180 GLU A CA 1 
ATOM 181 C CA . GLU A 1 181 ? -0.166  2.721   55.759   1.00 10.00 ? 181 GLU A CA 1 
ATOM 182 C CA . ARG A 1 182 ? -1.320  5.778   57.661   1.00 10.00 ? 182 ARG A CA 1 
ATOM 183 C CA . ALA A 1 183 ? -4.416  3.977   58.851   1.00 10.00 ? 183 ALA A CA 1 
ATOM 184 C CA . GLU A 1 184 ? -2.366  1.051   60.074   1.00 10.00 ? 184 GLU A CA 1 
ATOM 185 C CA . LEU A 1 185 ? -0.044  3.369   61.961   1.00 10.00 ? 185 LEU A CA 1 
ATOM 186 C CA . SER A 1 186 ? -2.981  5.185   63.489   1.00 10.00 ? 186 SER A CA 1 
ATOM 187 C CA . GLU A 1 187 ? -4.559  1.934   64.572   1.00 10.00 ? 187 GLU A CA 1 
ATOM 188 C CA . GLY A 1 188 ? -1.344  0.818   66.224   1.00 10.00 ? 188 GLY A CA 1 
ATOM 189 C CA . LYS A 1 189 ? -1.032  4.137   68.012   1.00 10.00 ? 189 LYS A CA 1 
ATOM 190 C CA . CYS A 1 190 ? -4.616  3.947   69.177   1.00 10.00 ? 190 CYS A CA 1 
ATOM 191 C CA . ALA A 1 191 ? -4.097  0.466   70.543   1.00 10.00 ? 191 ALA A CA 1 
ATOM 192 C CA . GLU A 1 192 ? -1.006  1.583   72.424   1.00 10.00 ? 192 GLU A CA 1 
ATOM 193 C CA . LEU A 1 193 ? -2.845  4.577   73.814   1.00 10.00 ? 193 LEU A CA 1 
ATOM 194 C CA . GLU A 1 194 ? -5.718  2.413   74.950   1.00 10.00 ? 194 GLU A CA 1 
ATOM 195 C CA . GLU A 1 195 ? -3.359  0.057   76.738   1.00 10.00 ? 195 GLU A CA 1 
ATOM 196 C CA . GLU A 1 196 ? -1.630  2.968   78.432   1.00 10.00 ? 196 GLU A CA 1 
ATOM 197 C CA . ILE A 1 197 ? -4.942  4.439   79.480   1.00 10.00 ? 197 ILE A CA 1 
ATOM 198 C CA . LYS A 1 198 ? -6.048  1.153   80.977   1.00 10.00 ? 198 LYS A CA 1 
ATOM 199 C CA . THR A 1 199 ? -2.817  0.871   82.937   1.00 10.00 ? 199 THR A CA 1 
ATOM 200 C CA . VAL A 1 200 ? -3.161  4.432   84.156   1.00 10.00 ? 200 VAL A CA 1 
ATOM 201 C CA . THR A 1 201 ? -6.719  3.821   85.249   1.00 10.00 ? 201 THR A CA 1 
ATOM 202 C CA . ASN A 1 202 ? -5.690  0.753   87.211   1.00 10.00 ? 202 ASN A CA 1 
ATOM 203 C CA . ASN A 1 203 ? -2.887  2.679   88.878   1.00 10.00 ? 203 ASN A CA 1 
ATOM 204 C CA . LEU A 1 204 ? -5.227  5.515   89.728   1.00 10.00 ? 204 LEU A CA 1 
ATOM 205 C CA . LYS A 1 205 ? -7.713  3.138   91.284   1.00 10.00 ? 205 LYS A CA 1 
ATOM 206 C CA . SER A 1 206 ? -4.996  1.559   93.400   1.00 10.00 ? 206 SER A CA 1 
ATOM 207 C CA . LEU A 1 207 ? -3.759  4.965   94.476   1.00 10.00 ? 207 LEU A CA 1 
ATOM 208 C CA . GLU A 1 208 ? -7.250  6.047   95.411   1.00 10.00 ? 208 GLU A CA 1 
ATOM 209 C CA . ALA A 1 209 ? -7.746  2.951   97.525   1.00 10.00 ? 209 ALA A CA 1 
ATOM 210 C CA . GLN A 1 210 ? -4.435  3.532   99.268   1.00 10.00 ? 210 GLN A CA 1 
ATOM 211 C CA . ALA A 1 211 ? -5.304  7.151   99.886   1.00 10.00 ? 211 ALA A CA 1 
ATOM 212 C CA . GLU A 1 212 ? -8.639  6.203   101.381  1.00 10.00 ? 212 GLU A CA 1 
ATOM 213 C CA . LYS A 1 213 ? -6.978  3.712   103.699  1.00 10.00 ? 213 LYS A CA 1 
ATOM 214 C CA . TYR A 1 214 ? -4.405  6.283   104.722  1.00 10.00 ? 214 TYR A CA 1 
ATOM 215 C CA . SER A 1 215 ? -7.091  8.842   105.402  1.00 10.00 ? 215 SER A CA 1 
ATOM 216 C CA . GLN A 1 216 ? -8.990  6.409   107.582  1.00 10.00 ? 216 GLN A CA 1 
ATOM 217 C CA . LYS A 1 217 ? -5.839  5.581   109.506  1.00 10.00 ? 217 LYS A CA 1 
ATOM 218 C CA . GLU A 1 218 ? -5.047  9.245   109.935  1.00 10.00 ? 218 GLU A CA 1 
ATOM 219 C CA . ASP A 1 219 ? -8.520  9.947   111.229  1.00 10.00 ? 219 ASP A CA 1 
ATOM 220 C CA . LYS A 1 220 ? -8.240  7.127   113.730  1.00 10.00 ? 220 LYS A CA 1 
ATOM 221 C CA . TYR A 1 221 ? -4.850  8.372   114.839  1.00 10.00 ? 221 TYR A CA 1 
ATOM 222 C CA . GLU A 1 222 ? -6.164  11.884  115.230  1.00 10.00 ? 222 GLU A CA 1 
ATOM 223 C CA . GLU A 1 223 ? -9.049  10.669  117.336  1.00 10.00 ? 223 GLU A CA 1 
ATOM 224 C CA . GLU A 1 224 ? -6.693  8.671   119.512  1.00 10.00 ? 224 GLU A CA 1 
ATOM 225 C CA . ILE A 1 225 ? -4.396  11.641  119.873  1.00 10.00 ? 225 ILE A CA 1 
ATOM 226 C CA . LYS A 1 226 ? -7.273  13.871  120.859  1.00 10.00 ? 226 LYS A CA 1 
ATOM 227 C CA . VAL A 1 227 ? -8.406  11.380  123.454  1.00 10.00 ? 227 VAL A CA 1 
ATOM 228 C CA . LEU A 1 228 ? -4.889  11.092  124.792  1.00 10.00 ? 228 LEU A CA 1 
ATOM 229 C CA . SER A 1 229 ? -4.549  14.844  124.951  1.00 10.00 ? 229 SER A CA 1 
ATOM 230 C CA . ASP A 1 230 ? -7.802  15.147  126.830  1.00 10.00 ? 230 ASP A CA 1 
ATOM 231 C CA . LYS A 1 231 ? -6.708  12.475  129.257  1.00 10.00 ? 231 LYS A CA 1 
ATOM 232 C CA . LEU A 1 232 ? -3.372  14.169  129.726  1.00 10.00 ? 232 LEU A CA 1 
ATOM 233 C CA . LYS A 1 233 ? -5.043  17.487  130.370  1.00 10.00 ? 233 LYS A CA 1 
ATOM 234 C CA . GLU A 1 234 ? -7.333  15.917  132.913  1.00 10.00 ? 234 GLU A CA 1 
ATOM 235 C CA . ALA A 1 235 ? -4.403  14.227  134.583  1.00 10.00 ? 235 ALA A CA 1 
ATOM 236 C CA . GLU A 1 236 ? -2.471  17.464  134.659  1.00 10.00 ? 236 GLU A CA 1 
ATOM 237 C CA . THR A 1 237 ? -5.398  19.272  136.194  1.00 10.00 ? 237 THR A CA 1 
ATOM 238 C CA . ARG A 1 238 ? -5.774  16.565  138.786  1.00 10.00 ? 238 ARG A CA 1 
ATOM 239 C CA . ALA A 1 239 ? -2.082  16.684  139.545  1.00 10.00 ? 239 ALA A CA 1 
ATOM 240 C CA . GLU A 1 240 ? -2.187  20.434  139.918  1.00 10.00 ? 240 GLU A CA 1 
ATOM 241 C CA . PHE A 1 241 ? -5.138  20.185  142.239  1.00 10.00 ? 241 PHE A CA 1 
ATOM 242 C CA . ALA A 1 242 ? -3.391  17.522  144.258  1.00 10.00 ? 242 ALA A CA 1 
ATOM 243 C CA . GLU A 1 243 ? -0.260  19.612  144.464  1.00 10.00 ? 243 GLU A CA 1 
ATOM 244 C CA . ARG A 1 244 ? -2.235  22.606  145.618  1.00 10.00 ? 244 ARG A CA 1 
ATOM 245 C CA . SER A 1 245 ? -3.986  20.513  148.213  1.00 10.00 ? 245 SER A CA 1 
ATOM 246 C CA . VAL A 1 246 ? -0.697  19.093  149.391  1.00 10.00 ? 246 VAL A CA 1 
ATOM 247 C CA . THR A 1 247 ? 0.797   22.545  149.667  1.00 10.00 ? 247 THR A CA 1 
ATOM 248 C CA . LYS A 1 248 ? -2.182  23.748  151.631  1.00 10.00 ? 248 LYS A CA 1 
ATOM 249 C CA . LEU A 1 249 ? -1.970  20.745  153.902  1.00 10.00 ? 249 LEU A CA 1 
ATOM 250 C CA . GLU A 1 250 ? 1.718   21.309  154.450  1.00 10.00 ? 250 GLU A CA 1 
ATOM 251 C CA . LYS A 1 251 ? 1.121   24.935  155.302  1.00 10.00 ? 251 LYS A CA 1 
ATOM 252 C CA . SER A 1 252 ? -1.627  23.977  157.698  1.00 10.00 ? 252 SER A CA 1 
ATOM 253 C CA . ILE A 1 253 ? 0.581   21.381  159.315  1.00 10.00 ? 253 ILE A CA 1 
ATOM 254 C CA . ASP A 1 254 ? 3.375   23.883  159.734  1.00 10.00 ? 254 ASP A CA 1 
ATOM 255 C CA . ASP A 1 255 ? 1.003   26.374  161.285  1.00 10.00 ? 255 ASP A CA 1 
ATOM 256 C CA . LEU A 1 256 ? -0.356  23.732  163.612  1.00 10.00 ? 256 LEU A CA 1 
ATOM 257 C CA . GLU A 1 257 ? 3.126   22.719  164.650  1.00 10.00 ? 257 GLU A CA 1 
ATOM 258 C CA . ASP A 1 258 ? 4.043   26.311  165.385  1.00 10.00 ? 258 ASP A CA 1 
ATOM 259 C CA . GLU A 1 259 ? 0.884   26.773  167.403  1.00 10.00 ? 259 GLU A CA 1 
ATOM 260 C CA . LEU A 1 260 ? 1.554   23.606  169.340  1.00 10.00 ? 260 LEU A CA 1 
ATOM 261 C CA . TYR A 1 261 ? 5.073   24.720  170.139  1.00 10.00 ? 261 TYR A CA 1 
ATOM 262 C CA . ALA A 1 262 ? 3.815   28.082  171.342  1.00 10.00 ? 262 ALA A CA 1 
ATOM 263 C CA . GLN A 1 263 ? 1.173   26.420  173.470  1.00 10.00 ? 263 GLN A CA 1 
ATOM 264 C CA . LYS A 1 264 ? 3.724   24.109  175.015  1.00 10.00 ? 264 LYS A CA 1 
ATOM 265 C CA . LEU A 1 265 ? 5.977   27.027  175.886  1.00 10.00 ? 265 LEU A CA 1 
ATOM 266 C CA . LYS A 1 266 ? 3.072   28.906  177.430  1.00 10.00 ? 266 LYS A CA 1 
ATOM 267 C CA . TYR A 1 267 ? 2.064   25.881  179.450  1.00 10.00 ? 267 TYR A CA 1 
ATOM 268 C CA . LYS A 1 268 ? 5.576   25.469  180.785  1.00 10.00 ? 268 LYS A CA 1 
ATOM 269 C CA . ALA A 1 269 ? 5.704   29.121  181.816  1.00 10.00 ? 269 ALA A CA 1 
ATOM 270 C CA . ILE A 1 270 ? 2.333   28.853  183.513  1.00 10.00 ? 270 ILE A CA 1 
ATOM 271 C CA . SER A 1 271 ? 3.419   25.785  185.426  1.00 10.00 ? 271 SER A CA 1 
ATOM 272 C CA . GLU A 1 272 ? 6.538   27.546  186.678  1.00 10.00 ? 272 GLU A CA 1 
ATOM 273 C CA . GLU A 1 273 ? 4.585   30.216  188.177  1.00 10.00 ? 273 GLU A CA 1 
ATOM 274 C CA . LEU A 1 274 ? 2.229   27.298  189.846  1.00 10.00 ? 274 LEU A CA 1 
ATOM 275 C CA . ASP A 1 275 ? 1.409   23.515  191.707  1.00 10.00 ? 275 ASP A CA 1 
ATOM 276 C CA . HIS A 1 276 ? 4.362   25.197  193.161  1.00 10.00 ? 276 HIS A CA 1 
ATOM 277 C CA . ALA A 1 277 ? 1.807   27.757  194.813  1.00 10.00 ? 277 ALA A CA 1 
ATOM 278 C CA . LEU A 1 278 ? -1.654  26.571  193.897  1.00 10.00 ? 278 LEU A CA 1 
ATOM 279 C CA . ASN A 1 279 ? -1.056  23.189  195.619  1.00 10.00 ? 279 ASN A CA 1 
ATOM 280 C CA . ASP A 1 280 ? 0.182   22.869  199.276  1.00 10.00 ? 280 ASP A CA 1 
ATOM 281 C CA . MET A 1 281 ? -0.072  26.909  199.034  1.00 10.00 ? 281 MET A CA 1 
ATOM 282 C CA . THR A 1 282 ? -3.795  25.792  198.071  1.00 10.00 ? 282 THR A CA 1 
ATOM 283 C CA . SER A 1 283 ? -4.744  24.570  201.904  1.00 10.00 ? 283 SER A CA 1 
ATOM 284 C CA . ILE A 1 284 ? -1.804  26.593  203.066  1.00 10.00 ? 284 ILE A CA 1 
ATOM 285 C CA . MET B 1 1   ? 20.156  -36.042 -203.322 1.00 10.00 ? 1   MET B CA 1 
ATOM 286 C CA . ASP B 1 2   ? 18.321  -33.018 -202.386 1.00 10.00 ? 2   ASP B CA 1 
ATOM 287 C CA . ALA B 1 3   ? 14.762  -34.899 -202.142 1.00 10.00 ? 3   ALA B CA 1 
ATOM 288 C CA . ILE B 1 4   ? 16.275  -37.445 -200.048 1.00 10.00 ? 4   ILE B CA 1 
ATOM 289 C CA . LYS B 1 5   ? 17.599  -35.307 -197.407 1.00 10.00 ? 5   LYS B CA 1 
ATOM 290 C CA . LYS B 1 6   ? 13.947  -33.283 -197.299 1.00 10.00 ? 6   LYS B CA 1 
ATOM 291 C CA . LYS B 1 7   ? 12.815  -36.260 -195.193 1.00 10.00 ? 7   LYS B CA 1 
ATOM 292 C CA . MET B 1 8   ? 16.198  -36.091 -192.926 1.00 10.00 ? 8   MET B CA 1 
ATOM 293 C CA . GLN B 1 9   ? 15.259  -32.201 -191.669 1.00 10.00 ? 9   GLN B CA 1 
ATOM 294 C CA . MET B 1 10  ? 11.114  -32.766 -191.322 1.00 10.00 ? 10  MET B CA 1 
ATOM 295 C CA . LEU B 1 11  ? 11.313  -34.995 -187.795 1.00 10.00 ? 11  LEU B CA 1 
ATOM 296 C CA . LYS B 1 12  ? 14.948  -34.361 -187.003 1.00 10.00 ? 12  LYS B CA 1 
ATOM 297 C CA . LEU B 1 13  ? 14.304  -30.654 -186.549 1.00 10.00 ? 13  LEU B CA 1 
ATOM 298 C CA . ASP B 1 14  ? 11.366  -31.355 -184.260 1.00 10.00 ? 14  ASP B CA 1 
ATOM 299 C CA . LYS B 1 15  ? 13.416  -33.765 -182.197 1.00 10.00 ? 15  LYS B CA 1 
ATOM 300 C CA . GLU B 1 16  ? 16.178  -31.219 -181.765 1.00 10.00 ? 16  GLU B CA 1 
ATOM 301 C CA . ASN B 1 17  ? 13.694  -28.582 -180.617 1.00 10.00 ? 17  ASN B CA 1 
ATOM 302 C CA . ALA B 1 18  ? 12.123  -30.995 -178.160 1.00 10.00 ? 18  ALA B CA 1 
ATOM 303 C CA . LEU B 1 19  ? 15.493  -31.897 -176.717 1.00 10.00 ? 19  LEU B CA 1 
ATOM 304 C CA . ASP B 1 20  ? 16.359  -28.242 -176.180 1.00 10.00 ? 20  ASP B CA 1 
ATOM 305 C CA . ARG B 1 21  ? 13.031  -27.609 -174.461 1.00 10.00 ? 21  ARG B CA 1 
ATOM 306 C CA . ALA B 1 22  ? 13.504  -30.606 -172.210 1.00 10.00 ? 22  ALA B CA 1 
ATOM 307 C CA . GLU B 1 23  ? 16.939  -29.420 -171.157 1.00 10.00 ? 23  GLU B CA 1 
ATOM 308 C CA . GLN B 1 24  ? 15.587  -25.969 -170.287 1.00 10.00 ? 24  GLN B CA 1 
ATOM 309 C CA . ALA B 1 25  ? 12.748  -27.477 -168.285 1.00 10.00 ? 25  ALA B CA 1 
ATOM 310 C CA . GLU B 1 26  ? 15.129  -29.673 -166.344 1.00 10.00 ? 26  GLU B CA 1 
ATOM 311 C CA . ALA B 1 27  ? 17.296  -26.696 -165.424 1.00 10.00 ? 27  ALA B CA 1 
ATOM 312 C CA . ASP B 1 28  ? 14.263  -24.724 -164.253 1.00 10.00 ? 28  ASP B CA 1 
ATOM 313 C CA . LYS B 1 29  ? 13.048  -27.631 -162.167 1.00 10.00 ? 29  LYS B CA 1 
ATOM 314 C CA . LYS B 1 30  ? 16.410  -27.967 -160.464 1.00 10.00 ? 30  LYS B CA 1 
ATOM 315 C CA . ALA B 1 31  ? 16.447  -24.263 -159.585 1.00 10.00 ? 31  ALA B CA 1 
ATOM 316 C CA . ALA B 1 32  ? 12.922  -24.456 -158.207 1.00 10.00 ? 32  ALA B CA 1 
ATOM 317 C CA . GLU B 1 33  ? 13.800  -27.441 -156.070 1.00 10.00 ? 33  GLU B CA 1 
ATOM 318 C CA . ASP B 1 34  ? 16.782  -25.635 -154.575 1.00 10.00 ? 34  ASP B CA 1 
ATOM 319 C CA . ARG B 1 35  ? 14.654  -22.589 -153.772 1.00 10.00 ? 35  ARG B CA 1 
ATOM 320 C CA . SER B 1 36  ? 12.000  -24.744 -152.163 1.00 10.00 ? 36  SER B CA 1 
ATOM 321 C CA . LYS B 1 37  ? 14.558  -26.460 -149.971 1.00 10.00 ? 37  LYS B CA 1 
ATOM 322 C CA . GLN B 1 38  ? 15.936  -23.121 -148.795 1.00 10.00 ? 38  GLN B CA 1 
ATOM 323 C CA . LEU B 1 39  ? 12.450  -21.850 -148.034 1.00 10.00 ? 39  LEU B CA 1 
ATOM 324 C CA . GLU B 1 40  ? 11.631  -24.962 -146.060 1.00 10.00 ? 40  GLU B CA 1 
ATOM 325 C CA . ASP B 1 41  ? 14.764  -24.587 -143.964 1.00 10.00 ? 41  ASP B CA 1 
ATOM 326 C CA . GLU B 1 42  ? 13.951  -20.953 -143.245 1.00 10.00 ? 42  GLU B CA 1 
ATOM 327 C CA . LEU B 1 43  ? 10.407  -21.841 -142.286 1.00 10.00 ? 43  LEU B CA 1 
ATOM 328 C CA . VAL B 1 44  ? 11.605  -24.517 -139.905 1.00 10.00 ? 44  VAL B CA 1 
ATOM 329 C CA . SER B 1 45  ? 13.987  -22.091 -138.234 1.00 10.00 ? 45  SER B CA 1 
ATOM 330 C CA . LEU B 1 46  ? 11.246  -19.507 -137.904 1.00 10.00 ? 46  LEU B CA 1 
ATOM 331 C CA . GLN B 1 47  ? 8.894   -22.047 -136.401 1.00 10.00 ? 47  GLN B CA 1 
ATOM 332 C CA . LYS B 1 48  ? 11.483  -23.084 -133.851 1.00 10.00 ? 48  LYS B CA 1 
ATOM 333 C CA . LYS B 1 49  ? 12.109  -19.473 -132.912 1.00 10.00 ? 49  LYS B CA 1 
ATOM 334 C CA . LEU B 1 50  ? 8.405   -18.830 -132.586 1.00 10.00 ? 50  LEU B CA 1 
ATOM 335 C CA . LYS B 1 51  ? 7.973   -21.846 -130.358 1.00 10.00 ? 51  LYS B CA 1 
ATOM 336 C CA . GLY B 1 52  ? 10.810  -20.714 -128.141 1.00 10.00 ? 52  GLY B CA 1 
ATOM 337 C CA . THR B 1 53  ? 9.351   -17.237 -127.938 1.00 10.00 ? 53  THR B CA 1 
ATOM 338 C CA . GLU B 1 54  ? 5.950   -18.614 -127.065 1.00 10.00 ? 54  GLU B CA 1 
ATOM 339 C CA . ASP B 1 55  ? 7.417   -20.753 -124.327 1.00 10.00 ? 55  ASP B CA 1 
ATOM 340 C CA . GLU B 1 56  ? 9.299   -17.793 -122.943 1.00 10.00 ? 56  GLU B CA 1 
ATOM 341 C CA . LEU B 1 57  ? 6.185   -15.668 -123.050 1.00 10.00 ? 57  LEU B CA 1 
ATOM 342 C CA . ASP B 1 58  ? 4.197   -18.323 -121.255 1.00 10.00 ? 58  ASP B CA 1 
ATOM 343 C CA . LYS B 1 59  ? 6.846   -18.607 -118.596 1.00 10.00 ? 59  LYS B CA 1 
ATOM 344 C CA . TYR B 1 60  ? 6.931   -14.859 -118.200 1.00 10.00 ? 60  TYR B CA 1 
ATOM 345 C CA . SER B 1 61  ? 3.173   -14.714 -117.924 1.00 10.00 ? 61  SER B CA 1 
ATOM 346 C CA . GLU B 1 62  ? 3.179   -17.416 -115.298 1.00 10.00 ? 62  GLU B CA 1 
ATOM 347 C CA . ALA B 1 63  ? 5.870   -15.615 -113.382 1.00 10.00 ? 63  ALA B CA 1 
ATOM 348 C CA . LEU B 1 64  ? 3.965   -12.370 -113.612 1.00 10.00 ? 64  LEU B CA 1 
ATOM 349 C CA . LYS B 1 65  ? 0.810   -14.030 -112.382 1.00 10.00 ? 65  LYS B CA 1 
ATOM 350 C CA . ASP B 1 66  ? 2.672   -15.568 -109.500 1.00 10.00 ? 66  ASP B CA 1 
ATOM 351 C CA . ALA B 1 67  ? 4.237   -12.243 -108.669 1.00 10.00 ? 67  ALA B CA 1 
ATOM 352 C CA . GLN B 1 68  ? 0.880   -10.533 -108.789 1.00 10.00 ? 68  GLN B CA 1 
ATOM 353 C CA . GLU B 1 69  ? -0.615  -13.137 -106.513 1.00 10.00 ? 69  GLU B CA 1 
ATOM 354 C CA . LYS B 1 70  ? 2.276   -12.780 -104.133 1.00 10.00 ? 70  LYS B CA 1 
ATOM 355 C CA . LEU B 1 71  ? 1.942   -9.025  -104.174 1.00 10.00 ? 71  LEU B CA 1 
ATOM 356 C CA . GLU B 1 72  ? -1.755  -9.256  -103.466 1.00 10.00 ? 72  GLU B CA 1 
ATOM 357 C CA . LEU B 1 73  ? -1.118  -11.628 -100.613 1.00 10.00 ? 73  LEU B CA 1 
ATOM 358 C CA . ALA B 1 74  ? 1.562   -9.355  -99.253  1.00 10.00 ? 74  ALA B CA 1 
ATOM 359 C CA . GLU B 1 75  ? -0.727  -6.369  -99.479  1.00 10.00 ? 75  GLU B CA 1 
ATOM 360 C CA . LYS B 1 76  ? -3.458  -8.229  -97.658  1.00 10.00 ? 76  LYS B CA 1 
ATOM 361 C CA . LYS B 1 77  ? -1.015  -9.311  -95.005  1.00 10.00 ? 77  LYS B CA 1 
ATOM 362 C CA . ALA B 1 78  ? 0.262   -5.783  -94.632  1.00 10.00 ? 78  ALA B CA 1 
ATOM 363 C CA . THR B 1 79  ? -3.248  -4.452  -94.257  1.00 10.00 ? 79  THR B CA 1 
ATOM 364 C CA . ASP B 1 80  ? -4.020  -7.061  -91.643  1.00 10.00 ? 80  ASP B CA 1 
ATOM 365 C CA . ALA B 1 81  ? -0.815  -6.266  -89.822  1.00 10.00 ? 81  ALA B CA 1 
ATOM 366 C CA . GLU B 1 82  ? -1.592  -2.577  -89.868  1.00 10.00 ? 82  GLU B CA 1 
ATOM 367 C CA . ALA B 1 83  ? -5.043  -3.203  -88.464  1.00 10.00 ? 83  ALA B CA 1 
ATOM 368 C CA . ASP B 1 84  ? -3.601  -5.421  -85.772  1.00 10.00 ? 84  ASP B CA 1 
ATOM 369 C CA . VAL B 1 85  ? -1.000  -2.827  -84.913  1.00 10.00 ? 85  VAL B CA 1 
ATOM 370 C CA . ALA B 1 86  ? -3.636  -0.142  -84.614  1.00 10.00 ? 86  ALA B CA 1 
ATOM 371 C CA . SER B 1 87  ? -5.713  -2.343  -82.343  1.00 10.00 ? 87  SER B CA 1 
ATOM 372 C CA . LEU B 1 88  ? -2.680  -3.150  -80.246  1.00 10.00 ? 88  LEU B CA 1 
ATOM 373 C CA . ASN B 1 89  ? -1.803  0.504   -79.929  1.00 10.00 ? 89  ASN B CA 1 
ATOM 374 C CA . ARG B 1 90  ? -5.312  1.336   -78.784  1.00 10.00 ? 90  ARG B CA 1 
ATOM 375 C CA . ARG B 1 91  ? -5.219  -1.480  -76.258  1.00 10.00 ? 91  ARG B CA 1 
ATOM 376 C CA . ILE B 1 92  ? -1.851  -0.345  -74.991  1.00 10.00 ? 92  ILE B CA 1 
ATOM 377 C CA . GLN B 1 93  ? -3.099  3.190   -74.534  1.00 10.00 ? 93  GLN B CA 1 
ATOM 378 C CA . LEU B 1 94  ? -6.110  1.952   -72.592  1.00 10.00 ? 94  LEU B CA 1 
ATOM 379 C CA . VAL B 1 95  ? -3.908  -0.247  -70.448  1.00 10.00 ? 95  VAL B CA 1 
ATOM 380 C CA . GLU B 1 96  ? -1.575  2.627   -69.718  1.00 10.00 ? 96  GLU B CA 1 
ATOM 381 C CA . GLU B 1 97  ? -4.464  4.819   -68.633  1.00 10.00 ? 97  GLU B CA 1 
ATOM 382 C CA . GLU B 1 98  ? -5.791  2.070   -66.384  1.00 10.00 ? 98  GLU B CA 1 
ATOM 383 C CA . LEU B 1 99  ? -2.370  1.525   -64.889  1.00 10.00 ? 99  LEU B CA 1 
ATOM 384 C CA . ASP B 1 100 ? -1.996  5.205   -64.132  1.00 10.00 ? 100 ASP B CA 1 
ATOM 385 C CA . ARG B 1 101 ? -5.375  5.273   -62.407  1.00 10.00 ? 101 ARG B CA 1 
ATOM 386 C CA . ALA B 1 102 ? -4.495  2.187   -60.408  1.00 10.00 ? 102 ALA B CA 1 
ATOM 387 C CA . GLN B 1 103 ? -1.200  3.687   -59.349  1.00 10.00 ? 103 GLN B CA 1 
ATOM 388 C CA . GLU B 1 104 ? -2.911  6.841   -58.145  1.00 10.00 ? 104 GLU B CA 1 
ATOM 389 C CA . ARG B 1 105 ? -5.435  4.805   -56.180  1.00 10.00 ? 105 ARG B CA 1 
ATOM 390 C CA . LEU B 1 106 ? -2.688  2.710   -54.660  1.00 10.00 ? 106 LEU B CA 1 
ATOM 391 C CA . ALA B 1 107 ? -0.788  5.792   -53.583  1.00 10.00 ? 107 ALA B CA 1 
ATOM 392 C CA . THR B 1 108 ? -3.885  7.222   -51.925  1.00 10.00 ? 108 THR B CA 1 
ATOM 393 C CA . ALA B 1 109 ? -4.549  3.938   -50.171  1.00 10.00 ? 109 ALA B CA 1 
ATOM 394 C CA . LEU B 1 110 ? -0.987  3.759   -48.943  1.00 10.00 ? 110 LEU B CA 1 
ATOM 395 C CA . GLN B 1 111 ? -1.196  7.259   -47.522  1.00 10.00 ? 111 GLN B CA 1 
ATOM 396 C CA . LYS B 1 112 ? -4.443  6.423   -45.755  1.00 10.00 ? 112 LYS B CA 1 
ATOM 397 C CA . LEU B 1 113 ? -2.962  3.240   -44.367  1.00 10.00 ? 113 LEU B CA 1 
ATOM 398 C CA . GLU B 1 114 ? 0.051   5.092   -43.049  1.00 10.00 ? 114 GLU B CA 1 
ATOM 399 C CA . GLU B 1 115 ? -2.161  7.639   -41.328  1.00 10.00 ? 115 GLU B CA 1 
ATOM 400 C CA . ALA B 1 116 ? -4.267  4.887   -39.813  1.00 10.00 ? 116 ALA B CA 1 
ATOM 401 C CA . GLU B 1 117 ? -1.194  3.080   -38.580  1.00 10.00 ? 117 GLU B CA 1 
ATOM 402 C CA . LYS B 1 118 ? 0.116   6.222   -36.939  1.00 10.00 ? 118 LYS B CA 1 
ATOM 403 C CA . ALA B 1 119 ? -3.219  6.811   -35.246  1.00 10.00 ? 119 ALA B CA 1 
ATOM 404 C CA . ALA B 1 120 ? -3.340  3.230   -34.059  1.00 10.00 ? 120 ALA B CA 1 
ATOM 405 C CA . ASP B 1 121 ? 0.143   3.479   -32.628  1.00 10.00 ? 121 ASP B CA 1 
ATOM 406 C CA . GLU B 1 122 ? -0.756  6.647   -30.770  1.00 10.00 ? 122 GLU B CA 1 
ATOM 407 C CA . SER B 1 123 ? -3.898  5.043   -29.416  1.00 10.00 ? 123 SER B CA 1 
ATOM 408 C CA . GLU B 1 124 ? -1.974  2.000   -28.290  1.00 10.00 ? 124 GLU B CA 1 
ATOM 409 C CA . ARG B 1 125 ? 0.558   4.147   -26.490  1.00 10.00 ? 125 ARG B CA 1 
ATOM 410 C CA . GLY B 1 126 ? -2.199  6.076   -24.766  1.00 10.00 ? 126 GLY B CA 1 
ATOM 411 C CA . MET B 1 127 ? -3.920  2.872   -23.755  1.00 10.00 ? 127 MET B CA 1 
ATOM 412 C CA . LYS B 1 128 ? -0.713  1.480   -22.330  1.00 10.00 ? 128 LYS B CA 1 
ATOM 413 C CA . VAL B 1 129 ? -0.137  4.634   -20.330  1.00 10.00 ? 129 VAL B CA 1 
ATOM 414 C CA . ILE B 1 130 ? -3.683  4.541   -19.029  1.00 10.00 ? 130 ILE B CA 1 
ATOM 415 C CA . GLU B 1 131 ? -3.330  0.916   -18.045  1.00 10.00 ? 131 GLU B CA 1 
ATOM 416 C CA . SER B 1 132 ? -0.127  1.638   -16.177  1.00 10.00 ? 132 SER B CA 1 
ATOM 417 C CA . ARG B 1 133 ? -1.752  4.527   -14.362  1.00 10.00 ? 133 ARG B CA 1 
ATOM 418 C CA . ALA B 1 134 ? -4.729  2.393   -13.453  1.00 10.00 ? 134 ALA B CA 1 
ATOM 419 C CA . GLN B 1 135 ? -2.490  -0.331  -12.102  1.00 10.00 ? 135 GLN B CA 1 
ATOM 420 C CA . LYS B 1 136 ? -0.583  2.164   -10.003  1.00 10.00 ? 136 LYS B CA 1 
ATOM 421 C CA . ASP B 1 137 ? -3.804  3.624   -8.673   1.00 10.00 ? 137 ASP B CA 1 
ATOM 422 C CA . GLU B 1 138 ? -5.110  0.195   -7.795   1.00 10.00 ? 138 GLU B CA 1 
ATOM 423 C CA . GLU B 1 139 ? -1.929  -0.644  -5.932   1.00 10.00 ? 139 GLU B CA 1 
ATOM 424 C CA . LYS B 1 140 ? -2.097  2.617   -4.026   1.00 10.00 ? 140 LYS B CA 1 
ATOM 425 C CA . MET B 1 141 ? -5.715  2.015   -3.136   1.00 10.00 ? 141 MET B CA 1 
ATOM 426 C CA . GLU B 1 142 ? -4.933  -1.454  -1.863   1.00 10.00 ? 142 GLU B CA 1 
ATOM 427 C CA . ILE B 1 143 ? -2.111  -0.122  0.276    1.00 10.00 ? 143 ILE B CA 1 
ATOM 428 C CA . GLN B 1 144 ? -4.339  2.595   1.667    1.00 10.00 ? 144 GLN B CA 1 
ATOM 429 C CA . GLU B 1 145 ? -7.040  0.095   2.502    1.00 10.00 ? 145 GLU B CA 1 
ATOM 430 C CA . ILE B 1 146 ? -4.567  -2.110  4.330    1.00 10.00 ? 146 ILE B CA 1 
ATOM 431 C CA . GLN B 1 147 ? -3.255  0.850   6.289    1.00 10.00 ? 147 GLN B CA 1 
ATOM 432 C CA . LEU B 1 148 ? -6.757  1.917   7.208    1.00 10.00 ? 148 LEU B CA 1 
ATOM 433 C CA . LYS B 1 149 ? -7.605  -1.553  8.440    1.00 10.00 ? 149 LYS B CA 1 
ATOM 434 C CA . GLU B 1 150 ? -4.478  -1.650  10.580   1.00 10.00 ? 150 GLU B CA 1 
ATOM 435 C CA . ALA B 1 151 ? -5.250  1.762   12.014   1.00 10.00 ? 151 ALA B CA 1 
ATOM 436 C CA . LYS B 1 152 ? -8.779  0.727   12.857   1.00 10.00 ? 152 LYS B CA 1 
ATOM 437 C CA . HIS B 1 153 ? -7.546  -2.366  14.664   1.00 10.00 ? 153 HIS B CA 1 
ATOM 438 C CA . ILE B 1 154 ? -5.038  -0.316  16.633   1.00 10.00 ? 154 ILE B CA 1 
ATOM 439 C CA . ALA B 1 155 ? -7.689  2.200   17.579   1.00 10.00 ? 155 ALA B CA 1 
ATOM 440 C CA . GLU B 1 156 ? -9.993  -0.529  18.818   1.00 10.00 ? 156 GLU B CA 1 
ATOM 441 C CA . ASP B 1 157 ? -7.226  -2.018  20.949   1.00 10.00 ? 157 ASP B CA 1 
ATOM 442 C CA . ALA B 1 158 ? -6.382  1.379   22.384   1.00 10.00 ? 158 ALA B CA 1 
ATOM 443 C CA . ASP B 1 159 ? -9.998  2.033   23.249   1.00 10.00 ? 159 ASP B CA 1 
ATOM 444 C CA . ARG B 1 160 ? -10.267 -1.281  25.069   1.00 10.00 ? 160 ARG B CA 1 
ATOM 445 C CA . LYS B 1 161 ? -7.096  -0.563  27.024   1.00 10.00 ? 161 LYS B CA 1 
ATOM 446 C CA . TYR B 1 162 ? -8.336  2.879   27.960   1.00 10.00 ? 162 TYR B CA 1 
ATOM 447 C CA . GLU B 1 163 ? -11.610 1.477   29.227   1.00 10.00 ? 163 GLU B CA 1 
ATOM 448 C CA . GLU B 1 164 ? -9.791  -1.076  31.371   1.00 10.00 ? 164 GLU B CA 1 
ATOM 449 C CA . VAL B 1 165 ? -7.508  1.598   32.772   1.00 10.00 ? 165 VAL B CA 1 
ATOM 450 C CA . ALA B 1 166 ? -10.446 3.809   33.628   1.00 10.00 ? 166 ALA B CA 1 
ATOM 451 C CA . ARG B 1 167 ? -12.160 0.986   35.487   1.00 10.00 ? 167 ARG B CA 1 
ATOM 452 C CA . LYS B 1 168 ? -8.994  0.237   37.440   1.00 10.00 ? 168 LYS B CA 1 
ATOM 453 C CA . LEU B 1 169 ? -8.560  3.883   38.322   1.00 10.00 ? 169 LEU B CA 1 
ATOM 454 C CA . VAL B 1 170 ? -12.110 4.111   39.596   1.00 10.00 ? 170 VAL B CA 1 
ATOM 455 C CA . ILE B 1 171 ? -11.616 1.050   41.786   1.00 10.00 ? 171 ILE B CA 1 
ATOM 456 C CA . ILE B 1 172 ? -8.376  2.448   43.151   1.00 10.00 ? 172 ILE B CA 1 
ATOM 457 C CA . GLU B 1 173 ? -10.014 5.753   43.946   1.00 10.00 ? 173 GLU B CA 1 
ATOM 458 C CA . SER B 1 174 ? -12.805 4.031   45.839   1.00 10.00 ? 174 SER B CA 1 
ATOM 459 C CA . ASP B 1 175 ? -10.303 1.989   47.828   1.00 10.00 ? 175 ASP B CA 1 
ATOM 460 C CA . LEU B 1 176 ? -8.287  5.077   48.633   1.00 10.00 ? 176 LEU B CA 1 
ATOM 461 C CA . GLU B 1 177 ? -11.361 6.896   49.861   1.00 10.00 ? 177 GLU B CA 1 
ATOM 462 C CA . ARG B 1 178 ? -12.286 3.991   52.115   1.00 10.00 ? 178 ARG B CA 1 
ATOM 463 C CA . ALA B 1 179 ? -8.763  3.832   53.482   1.00 10.00 ? 179 ALA B CA 1 
ATOM 464 C CA . GLU B 1 180 ? -8.755  7.542   54.172   1.00 10.00 ? 180 GLU B CA 1 
ATOM 465 C CA . GLU B 1 181 ? -12.025 7.298   56.057   1.00 10.00 ? 181 GLU B CA 1 
ATOM 466 C CA . ARG B 1 182 ? -10.703 4.414   58.124   1.00 10.00 ? 182 ARG B CA 1 
ATOM 467 C CA . ALA B 1 183 ? -7.523  6.303   58.879   1.00 10.00 ? 183 ALA B CA 1 
ATOM 468 C CA . GLU B 1 184 ? -9.470  9.339   59.997   1.00 10.00 ? 184 GLU B CA 1 
ATOM 469 C CA . LEU B 1 185 ? -11.604 7.224   62.295   1.00 10.00 ? 185 LEU B CA 1 
ATOM 470 C CA . SER B 1 186 ? -8.530  5.559   63.729   1.00 10.00 ? 186 SER B CA 1 
ATOM 471 C CA . GLU B 1 187 ? -6.874  8.898   64.311   1.00 10.00 ? 187 GLU B CA 1 
ATOM 472 C CA . GLY B 1 188 ? -9.924  10.202  66.116   1.00 10.00 ? 188 GLY B CA 1 
ATOM 473 C CA . LYS B 1 189 ? -10.044 7.108   68.282   1.00 10.00 ? 189 LYS B CA 1 
ATOM 474 C CA . CYS B 1 190 ? -6.364  7.413   69.056   1.00 10.00 ? 190 CYS B CA 1 
ATOM 475 C CA . ALA B 1 191 ? -6.766  11.037  70.024   1.00 10.00 ? 191 ALA B CA 1 
ATOM 476 C CA . GLU B 1 192 ? -9.644  10.183  72.312   1.00 10.00 ? 192 GLU B CA 1 
ATOM 477 C CA . LEU B 1 193 ? -7.650  7.385   73.877   1.00 10.00 ? 193 LEU B CA 1 
ATOM 478 C CA . GLU B 1 194 ? -4.690  9.663   74.398   1.00 10.00 ? 194 GLU B CA 1 
ATOM 479 C CA . GLU B 1 195 ? -6.867  12.259  76.055   1.00 10.00 ? 195 GLU B CA 1 
ATOM 480 C CA . GLU B 1 196 ? -8.383  9.637   78.302   1.00 10.00 ? 196 GLU B CA 1 
ATOM 481 C CA . ILE B 1 197 ? -4.964  8.311   79.186   1.00 10.00 ? 197 ILE B CA 1 
ATOM 482 C CA . LYS B 1 198 ? -3.730  11.777  80.015   1.00 10.00 ? 198 LYS B CA 1 
ATOM 483 C CA . THR B 1 199 ? -6.730  12.393  82.210   1.00 10.00 ? 199 THR B CA 1 
ATOM 484 C CA . VAL B 1 200 ? -6.219  9.078   83.935   1.00 10.00 ? 200 VAL B CA 1 
ATOM 485 C CA . THR B 1 201 ? -2.567  9.830   84.493   1.00 10.00 ? 201 THR B CA 1 
ATOM 486 C CA . ASN B 1 202 ? -3.399  13.199  85.964   1.00 10.00 ? 202 ASN B CA 1 
ATOM 487 C CA . ASN B 1 203 ? -5.974  11.632  88.224   1.00 10.00 ? 203 ASN B CA 1 
ATOM 488 C CA . LEU B 1 204 ? -3.522  8.977   89.299   1.00 10.00 ? 204 LEU B CA 1 
ATOM 489 C CA . LYS B 1 205 ? -0.899  11.578  90.061   1.00 10.00 ? 205 LYS B CA 1 
ATOM 490 C CA . SER B 1 206 ? -3.372  13.568  92.085   1.00 10.00 ? 206 SER B CA 1 
ATOM 491 C CA . LEU B 1 207 ? -4.433  10.464  93.942   1.00 10.00 ? 207 LEU B CA 1 
ATOM 492 C CA . GLU B 1 208 ? -0.844  9.556   94.653   1.00 10.00 ? 208 GLU B CA 1 
ATOM 493 C CA . ALA B 1 209 ? -0.142  13.022  95.961   1.00 10.00 ? 209 ALA B CA 1 
ATOM 494 C CA . GLN B 1 210 ? -3.216  12.877  98.131   1.00 10.00 ? 210 GLN B CA 1 
ATOM 495 C CA . ALA B 1 211 ? -2.230  9.478   99.430   1.00 10.00 ? 211 ALA B CA 1 
ATOM 496 C CA . GLU B 1 212 ? 1.245   10.696  100.246  1.00 10.00 ? 212 GLU B CA 1 
ATOM 497 C CA . LYS B 1 213 ? -0.163  13.686  102.054  1.00 10.00 ? 213 LYS B CA 1 
ATOM 498 C CA . TYR B 1 214 ? -2.557  11.478  103.953  1.00 10.00 ? 214 TYR B CA 1 
ATOM 499 C CA . SER B 1 215 ? 0.231   9.128   104.914  1.00 10.00 ? 215 SER B CA 1 
ATOM 500 C CA . GLN B 1 216 ? 2.339   12.004  106.145  1.00 10.00 ? 216 GLN B CA 1 
ATOM 501 C CA . LYS B 1 217 ? -0.571  13.355  108.120  1.00 10.00 ? 217 LYS B CA 1 
ATOM 502 C CA . GLU B 1 218 ? -1.245  9.954   109.602  1.00 10.00 ? 218 GLU B CA 1 
ATOM 503 C CA . ASP B 1 219 ? 2.371   9.574   110.610  1.00 10.00 ? 219 ASP B CA 1 
ATOM 504 C CA . LYS B 1 220 ? 2.344   12.985  112.220  1.00 10.00 ? 220 LYS B CA 1 
ATOM 505 C CA . TYR B 1 221 ? -0.867  12.173  114.024  1.00 10.00 ? 221 TYR B CA 1 
ATOM 506 C CA . GLU B 1 222 ? 0.549   8.907   115.268  1.00 10.00 ? 222 GLU B CA 1 
ATOM 507 C CA . GLU B 1 223 ? 3.643   10.645  116.560  1.00 10.00 ? 223 GLU B CA 1 
ATOM 508 C CA . GLU B 1 224 ? 1.525   13.258  118.271  1.00 10.00 ? 224 GLU B CA 1 
ATOM 509 C CA . ILE B 1 225 ? -0.656  10.597  119.815  1.00 10.00 ? 225 ILE B CA 1 
ATOM 510 C CA . LYS B 1 226 ? 2.361   8.744   121.123  1.00 10.00 ? 226 LYS B CA 1 
ATOM 511 C CA . VAL B 1 227 ? 3.744   11.927  122.625  1.00 10.00 ? 227 VAL B CA 1 
ATOM 512 C CA . LEU B 1 228 ? 0.401   12.717  124.189  1.00 10.00 ? 228 LEU B CA 1 
ATOM 513 C CA . SER B 1 229 ? 0.159   9.253   125.660  1.00 10.00 ? 229 SER B CA 1 
ATOM 514 C CA . ASP B 1 230 ? 3.615   9.557   127.165  1.00 10.00 ? 230 ASP B CA 1 
ATOM 515 C CA . LYS B 1 231 ? 2.751   12.943  128.611  1.00 10.00 ? 231 LYS B CA 1 
ATOM 516 C CA . LEU B 1 232 ? -0.473  11.605  130.041  1.00 10.00 ? 232 LEU B CA 1 
ATOM 517 C CA . LYS B 1 233 ? 1.331   8.724   131.684  1.00 10.00 ? 233 LYS B CA 1 
ATOM 518 C CA . GLU B 1 234 ? 3.858   11.092  133.224  1.00 10.00 ? 234 GLU B CA 1 
ATOM 519 C CA . ALA B 1 235 ? 1.093   13.359  134.446  1.00 10.00 ? 235 ALA B CA 1 
ATOM 520 C CA . GLU B 1 236 ? -0.746  10.451  135.992  1.00 10.00 ? 236 GLU B CA 1 
ATOM 521 C CA . THR B 1 237 ? 2.370   9.339   137.832  1.00 10.00 ? 237 THR B CA 1 
ATOM 522 C CA . ARG B 1 238 ? 2.960   12.862  139.099  1.00 10.00 ? 238 ARG B CA 1 
ATOM 523 C CA . ALA B 1 239 ? -0.628  13.150  140.231  1.00 10.00 ? 239 ALA B CA 1 
ATOM 524 C CA . GLU B 1 240 ? -0.400  9.897   142.137  1.00 10.00 ? 240 GLU B CA 1 
ATOM 525 C CA . PHE B 1 241 ? 2.767   11.051  143.883  1.00 10.00 ? 241 PHE B CA 1 
ATOM 526 C CA . ALA B 1 242 ? 1.170   14.369  144.746  1.00 10.00 ? 242 ALA B CA 1 
ATOM 527 C CA . GLU B 1 243 ? -1.879  12.652  146.159  1.00 10.00 ? 243 GLU B CA 1 
ATOM 528 C CA . ARG B 1 244 ? 0.267   10.446  148.367  1.00 10.00 ? 244 ARG B CA 1 
ATOM 529 C CA . SER B 1 245 ? 2.207   13.458  149.618  1.00 10.00 ? 245 SER B CA 1 
ATOM 530 C CA . VAL B 1 246 ? -0.989  15.335  150.323  1.00 10.00 ? 246 VAL B CA 1 
ATOM 531 C CA . THR B 1 247 ? -2.377  12.442  152.317  1.00 10.00 ? 247 THR B CA 1 
ATOM 532 C CA . LYS B 1 248 ? 0.790   12.255  154.407  1.00 10.00 ? 248 LYS B CA 1 
ATOM 533 C CA . LEU B 1 249 ? 0.706   15.991  155.007  1.00 10.00 ? 249 LEU B CA 1 
ATOM 534 C CA . GLU B 1 250 ? -2.911  15.844  156.070  1.00 10.00 ? 250 GLU B CA 1 
ATOM 535 C CA . LYS B 1 251 ? -2.170  13.095  158.568  1.00 10.00 ? 251 LYS B CA 1 
ATOM 536 C CA . SER B 1 252 ? 0.733   15.076  160.003  1.00 10.00 ? 252 SER B CA 1 
ATOM 537 C CA . ILE B 1 253 ? -1.400  18.180  160.264  1.00 10.00 ? 253 ILE B CA 1 
ATOM 538 C CA . ASP B 1 254 ? -4.107  16.297  162.107  1.00 10.00 ? 254 ASP B CA 1 
ATOM 539 C CA . ASP B 1 255 ? -1.585  14.929  164.593  1.00 10.00 ? 255 ASP B CA 1 
ATOM 540 C CA . LEU B 1 256 ? -0.127  18.381  165.129  1.00 10.00 ? 256 LEU B CA 1 
ATOM 541 C CA . GLU B 1 257 ? -3.554  19.853  165.696  1.00 10.00 ? 257 GLU B CA 1 
ATOM 542 C CA . ASP B 1 258 ? -4.363  17.226  168.298  1.00 10.00 ? 258 ASP B CA 1 
ATOM 543 C CA . GLU B 1 259 ? -1.089  17.886  170.096  1.00 10.00 ? 259 GLU B CA 1 
ATOM 544 C CA . LEU B 1 260 ? -1.705  21.611  170.029  1.00 10.00 ? 260 LEU B CA 1 
ATOM 545 C CA . TYR B 1 261 ? -5.163  21.174  171.482  1.00 10.00 ? 261 TYR B CA 1 
ATOM 546 C CA . ALA B 1 262 ? -3.803  19.038  174.303  1.00 10.00 ? 262 ALA B CA 1 
ATOM 547 C CA . GLN B 1 263 ? -1.097  21.580  175.025  1.00 10.00 ? 263 GLN B CA 1 
ATOM 548 C CA . LYS B 1 264 ? -3.613  24.391  175.081  1.00 10.00 ? 264 LYS B CA 1 
ATOM 549 C CA . LEU B 1 265 ? -5.799  22.520  177.534  1.00 10.00 ? 265 LEU B CA 1 
ATOM 550 C CA . LYS B 1 266 ? -2.831  21.857  179.792  1.00 10.00 ? 266 LYS B CA 1 
ATOM 551 C CA . TYR B 1 267 ? -1.794  25.483  179.635  1.00 10.00 ? 267 TYR B CA 1 
ATOM 552 C CA . LYS B 1 268 ? -5.276  26.627  180.544  1.00 10.00 ? 268 LYS B CA 1 
ATOM 553 C CA . ALA B 1 269 ? -5.358  24.292  183.523  1.00 10.00 ? 269 ALA B CA 1 
ATOM 554 C CA . ILE B 1 270 ? -1.964  25.507  184.664  1.00 10.00 ? 270 ILE B CA 1 
ATOM 555 C CA . SER B 1 271 ? -3.039  29.110  184.345  1.00 10.00 ? 271 SER B CA 1 
ATOM 556 C CA . GLU B 1 272 ? -6.142  28.470  186.405  1.00 10.00 ? 272 GLU B CA 1 
ATOM 557 C CA . GLU B 1 273 ? -4.098  26.756  189.090  1.00 10.00 ? 273 GLU B CA 1 
ATOM 558 C CA . LEU B 1 274 ? -1.016  28.888  189.791  1.00 10.00 ? 274 LEU B CA 1 
ATOM 559 C CA . ASP B 1 275 ? -1.393  32.868  189.610  1.00 10.00 ? 275 ASP B CA 1 
ATOM 560 C CA . HIS B 1 276 ? -5.046  32.320  189.789  1.00 10.00 ? 276 HIS B CA 1 
ATOM 561 C CA . ALA B 1 277 ? -3.759  29.765  192.366  1.00 10.00 ? 277 ALA B CA 1 
ATOM 562 C CA . LEU B 1 278 ? -2.675  33.215  193.867  1.00 10.00 ? 278 LEU B CA 1 
ATOM 563 C CA . ASN B 1 279 ? -6.399  34.265  194.735  1.00 10.00 ? 279 ASN B CA 1 
ATOM 564 C CA . ASP B 1 280 ? -8.814  31.475  193.754  1.00 10.00 ? 280 ASP B CA 1 
ATOM 565 C CA . MET B 1 281 ? -8.368  30.220  197.322  1.00 10.00 ? 281 MET B CA 1 
ATOM 566 C CA . THR B 1 282 ? -10.782 33.323  197.189  1.00 10.00 ? 282 THR B CA 1 
ATOM 567 C CA . SER B 1 283 ? -9.645  33.508  200.869  1.00 10.00 ? 283 SER B CA 1 
ATOM 568 C CA . ILE B 1 284 ? -6.700  31.312  201.744  1.00 10.00 ? 284 ILE B CA 1 
# 
